data_9J53
#
_entry.id   9J53
#
_cell.length_a   1.00
_cell.length_b   1.00
_cell.length_c   1.00
_cell.angle_alpha   90.00
_cell.angle_beta   90.00
_cell.angle_gamma   90.00
#
_symmetry.space_group_name_H-M   'P 1'
#
loop_
_entity.id
_entity.type
_entity.pdbx_description
1 polymer 'Solute carrier family 53 member 1'
2 non-polymer 1,2-DIACYL-SN-GLYCERO-3-PHOSPHOCHOLINE
3 non-polymer 'PHOSPHATE ION'
#
_entity_poly.entity_id   1
_entity_poly.type   'polypeptide(L)'
_entity_poly.pdbx_seq_one_letter_code
;MKFAEHLSAHITPEWRKQYIQYEAFKDMLYSAQDQAPSVEVTDEDTVKRYFAKFEEKFFQTCEKELAKINTFYSEKLAEA
QRRFATLQNELQSSLDAQKESTGVTTLRQRRKPVFHLSHEERVQHRNIKDLKLAFSEFYLSLILLQNYQNLNFTGFRKIL
KKHDKILETSRGADWRVAHVEVAPFYTCKKINQLISETEAVVTNELEDGDRQKAMKRLRVPPLGAAQPAPAWTTFRVGLF
CGIFIVLNITLVLAAVFKLETDRSIWPLIRIYRGGFLLIEFLFLLGINTYGWRQAGVNHVLIFELNPRSNLSHQHLFEIA
GFLGILWCLSLLACFFAPISVIPTYVYPLALYGFMVFFLINPTKTFYYKSRFWLLKLLFRVFTAPFHKVGFADFWLADQL
NSLSVILMDLEYMICFYSLELKWDESKGLLPNNSEESGICHKYTYGVRAIVQCIPAWLRFIQCLRRYRDTKRAFPHLVNA
GKYSTTFFMVTFAALYSTHKERGHSDTMVFFYLWIVFYIISSCYTLIWDLKMDWGLFDKNAGENTFLREEIVYPQKAYYY
CAIIEDVILRFAWTIQISITSTTLLPHSGDIIATVFAPLEVFRRFVWNFFRLENEHLNNCGEFRAVRDISVAPLNADDQT
LLEQMMDQDDGVRNRQKNRSWKYNQSISLRRPRLASQSKARDTKVLIEDTDDEANTLEDYKDHDGDYKDHDIDYKDDDDK
;
_entity_poly.pdbx_strand_id   B,A
#
loop_
_chem_comp.id
_chem_comp.type
_chem_comp.name
_chem_comp.formula
PC1 non-polymer 1,2-DIACYL-SN-GLYCERO-3-PHOSPHOCHOLINE 'C44 H88 N O8 P'
PO4 non-polymer 'PHOSPHATE ION' 'O4 P -3'
#
# COMPACT_ATOMS: atom_id res chain seq x y z
N ALA A 229 8.29 11.55 -13.70
CA ALA A 229 7.28 11.87 -12.69
C ALA A 229 7.91 11.92 -11.30
N PRO A 230 7.39 12.81 -10.44
CA PRO A 230 7.97 12.97 -9.11
C PRO A 230 7.85 11.69 -8.28
N ALA A 231 8.81 11.51 -7.37
CA ALA A 231 8.87 10.29 -6.57
C ALA A 231 7.69 10.16 -5.64
N TRP A 232 7.09 11.27 -5.22
CA TRP A 232 5.93 11.18 -4.34
C TRP A 232 4.71 10.65 -5.09
N THR A 233 4.58 11.00 -6.38
CA THR A 233 3.51 10.43 -7.19
C THR A 233 3.64 8.91 -7.26
N THR A 234 4.85 8.43 -7.52
CA THR A 234 5.08 6.98 -7.56
C THR A 234 4.82 6.35 -6.19
N PHE A 235 5.19 7.05 -5.12
CA PHE A 235 4.94 6.52 -3.78
C PHE A 235 3.44 6.38 -3.52
N ARG A 236 2.65 7.37 -3.92
CA ARG A 236 1.20 7.26 -3.75
C ARG A 236 0.63 6.16 -4.63
N VAL A 237 1.17 6.00 -5.84
CA VAL A 237 0.75 4.90 -6.69
C VAL A 237 0.97 3.57 -5.98
N GLY A 238 2.16 3.38 -5.42
CA GLY A 238 2.46 2.14 -4.72
C GLY A 238 1.61 1.95 -3.47
N LEU A 239 1.42 3.01 -2.70
CA LEU A 239 0.59 2.93 -1.51
C LEU A 239 -0.83 2.52 -1.85
N PHE A 240 -1.41 3.17 -2.85
CA PHE A 240 -2.78 2.85 -3.25
C PHE A 240 -2.87 1.44 -3.83
N CYS A 241 -1.86 1.03 -4.60
CA CYS A 241 -1.89 -0.34 -5.14
C CYS A 241 -1.80 -1.38 -4.04
N GLY A 242 -0.95 -1.14 -3.04
CA GLY A 242 -0.84 -2.09 -1.94
C GLY A 242 -2.10 -2.16 -1.10
N ILE A 243 -2.70 -1.01 -0.81
CA ILE A 243 -3.97 -1.00 -0.10
C ILE A 243 -5.05 -1.69 -0.93
N PHE A 244 -5.04 -1.46 -2.24
CA PHE A 244 -5.97 -2.14 -3.12
C PHE A 244 -5.80 -3.64 -3.05
N ILE A 245 -4.55 -4.12 -3.06
CA ILE A 245 -4.29 -5.55 -3.02
C ILE A 245 -4.78 -6.15 -1.71
N VAL A 246 -4.44 -5.52 -0.58
CA VAL A 246 -4.83 -6.06 0.71
C VAL A 246 -6.36 -6.05 0.85
N LEU A 247 -6.99 -4.99 0.39
CA LEU A 247 -8.45 -4.91 0.47
C LEU A 247 -9.11 -5.92 -0.46
N ASN A 248 -8.50 -6.19 -1.63
CA ASN A 248 -9.03 -7.23 -2.50
C ASN A 248 -8.96 -8.59 -1.82
N ILE A 249 -7.82 -8.90 -1.20
CA ILE A 249 -7.67 -10.19 -0.55
C ILE A 249 -8.66 -10.33 0.61
N THR A 250 -8.81 -9.27 1.41
CA THR A 250 -9.74 -9.36 2.54
C THR A 250 -11.19 -9.36 2.08
N LEU A 251 -11.49 -8.77 0.92
CA LEU A 251 -12.82 -8.90 0.35
C LEU A 251 -13.09 -10.34 -0.10
N VAL A 252 -12.11 -10.95 -0.76
CA VAL A 252 -12.26 -12.34 -1.17
C VAL A 252 -12.49 -13.22 0.04
N LEU A 253 -11.65 -13.07 1.07
CA LEU A 253 -11.78 -13.88 2.27
C LEU A 253 -13.10 -13.63 2.98
N ALA A 254 -13.52 -12.36 3.07
CA ALA A 254 -14.78 -12.04 3.72
C ALA A 254 -15.97 -12.56 2.94
N ALA A 255 -15.89 -12.52 1.60
CA ALA A 255 -17.01 -12.95 0.77
C ALA A 255 -17.07 -14.45 0.59
N VAL A 256 -15.98 -15.18 0.87
CA VAL A 256 -16.00 -16.63 0.66
C VAL A 256 -16.39 -17.37 1.94
N PHE A 257 -15.92 -16.92 3.10
CA PHE A 257 -16.12 -17.67 4.34
C PHE A 257 -17.33 -17.18 5.13
N LYS A 258 -17.31 -15.92 5.58
CA LYS A 258 -18.32 -15.40 6.49
C LYS A 258 -18.72 -13.99 6.06
N LEU A 259 -19.72 -13.88 5.18
CA LEU A 259 -20.35 -12.60 4.95
C LEU A 259 -21.82 -12.61 5.36
N GLU A 260 -22.65 -13.45 4.74
CA GLU A 260 -24.02 -13.69 5.19
C GLU A 260 -24.46 -15.14 5.06
N THR A 261 -23.72 -15.98 4.35
CA THR A 261 -24.12 -17.35 4.00
C THR A 261 -25.30 -17.35 3.05
N ASP A 262 -26.47 -16.93 3.51
CA ASP A 262 -27.68 -16.88 2.71
C ASP A 262 -28.14 -15.43 2.62
N ARG A 263 -27.74 -14.74 1.56
CA ARG A 263 -28.11 -13.35 1.37
C ARG A 263 -28.65 -13.09 -0.03
N SER A 264 -28.18 -13.86 -1.02
CA SER A 264 -28.42 -13.57 -2.43
C SER A 264 -27.92 -12.16 -2.77
N ILE A 265 -26.60 -12.03 -2.66
CA ILE A 265 -25.91 -10.74 -2.70
C ILE A 265 -25.98 -10.12 -4.09
N TRP A 266 -26.65 -10.79 -5.02
CA TRP A 266 -26.64 -10.36 -6.42
C TRP A 266 -27.02 -8.90 -6.63
N PRO A 267 -28.08 -8.35 -6.04
CA PRO A 267 -28.34 -6.92 -6.22
C PRO A 267 -27.15 -6.06 -5.84
N LEU A 268 -26.51 -6.36 -4.71
CA LEU A 268 -25.30 -5.62 -4.34
C LEU A 268 -24.29 -5.64 -5.46
N ILE A 269 -24.09 -6.81 -6.08
CA ILE A 269 -23.14 -6.92 -7.18
C ILE A 269 -23.50 -5.91 -8.27
N ARG A 270 -24.77 -5.89 -8.67
CA ARG A 270 -25.18 -5.00 -9.76
C ARG A 270 -24.97 -3.54 -9.38
N ILE A 271 -25.05 -3.24 -8.09
CA ILE A 271 -24.81 -1.86 -7.65
C ILE A 271 -23.34 -1.50 -7.80
N TYR A 272 -22.45 -2.45 -7.48
CA TYR A 272 -21.04 -2.11 -7.41
C TYR A 272 -20.31 -2.30 -8.74
N ARG A 273 -20.66 -3.34 -9.50
CA ARG A 273 -19.84 -3.75 -10.64
C ARG A 273 -19.51 -2.59 -11.56
N GLY A 274 -20.51 -1.82 -11.99
CA GLY A 274 -20.25 -0.73 -12.91
C GLY A 274 -19.23 0.25 -12.36
N GLY A 275 -19.41 0.66 -11.10
CA GLY A 275 -18.42 1.51 -10.48
C GLY A 275 -17.05 0.87 -10.49
N PHE A 276 -16.99 -0.42 -10.13
CA PHE A 276 -15.73 -1.15 -10.23
C PHE A 276 -15.20 -1.10 -11.65
N LEU A 277 -16.07 -1.30 -12.64
CA LEU A 277 -15.65 -1.16 -14.02
C LEU A 277 -14.96 0.17 -14.25
N LEU A 278 -15.55 1.25 -13.76
CA LEU A 278 -14.92 2.56 -13.89
C LEU A 278 -13.50 2.52 -13.35
N ILE A 279 -13.33 2.02 -12.12
CA ILE A 279 -11.98 1.89 -11.57
C ILE A 279 -11.14 1.07 -12.52
N GLU A 280 -11.63 -0.11 -12.88
CA GLU A 280 -10.92 -0.94 -13.85
C GLU A 280 -10.62 -0.15 -15.11
N PHE A 281 -11.63 0.52 -15.66
CA PHE A 281 -11.41 1.33 -16.85
C PHE A 281 -10.27 2.30 -16.64
N LEU A 282 -10.35 3.09 -15.56
CA LEU A 282 -9.27 4.05 -15.29
C LEU A 282 -7.95 3.34 -15.19
N PHE A 283 -7.90 2.24 -14.43
CA PHE A 283 -6.67 1.47 -14.33
C PHE A 283 -6.17 1.11 -15.71
N LEU A 284 -7.04 0.51 -16.53
CA LEU A 284 -6.64 0.14 -17.87
C LEU A 284 -6.21 1.36 -18.66
N LEU A 285 -6.97 2.46 -18.53
CA LEU A 285 -6.60 3.68 -19.23
C LEU A 285 -5.20 4.14 -18.86
N GLY A 286 -4.83 4.00 -17.59
CA GLY A 286 -3.47 4.35 -17.21
C GLY A 286 -2.45 3.59 -18.02
N ILE A 287 -2.61 2.28 -18.13
CA ILE A 287 -1.71 1.48 -18.94
C ILE A 287 -1.68 2.00 -20.37
N ASN A 288 -2.86 2.32 -20.91
CA ASN A 288 -2.93 2.87 -22.26
C ASN A 288 -2.07 4.11 -22.38
N THR A 289 -2.19 5.03 -21.41
CA THR A 289 -1.35 6.22 -21.44
C THR A 289 0.12 5.83 -21.47
N TYR A 290 0.50 4.87 -20.62
CA TYR A 290 1.86 4.37 -20.64
C TYR A 290 2.26 3.96 -22.05
N GLY A 291 1.43 3.16 -22.70
CA GLY A 291 1.71 2.81 -24.09
C GLY A 291 1.79 4.04 -24.95
N TRP A 292 0.79 4.92 -24.84
CA TRP A 292 0.79 6.14 -25.62
C TRP A 292 1.92 7.08 -25.20
N ARG A 293 2.52 6.83 -24.04
CA ARG A 293 3.74 7.55 -23.70
C ARG A 293 4.97 6.82 -24.23
N GLN A 294 4.98 5.49 -24.14
CA GLN A 294 6.15 4.75 -24.63
C GLN A 294 6.15 4.71 -26.14
N ALA A 295 5.00 4.48 -26.75
CA ALA A 295 4.90 4.68 -28.19
C ALA A 295 4.98 6.15 -28.55
N GLY A 296 4.47 7.03 -27.68
CA GLY A 296 4.59 8.46 -27.87
C GLY A 296 3.98 8.93 -29.16
N VAL A 297 2.75 8.51 -29.45
CA VAL A 297 2.23 8.65 -30.79
C VAL A 297 1.83 10.10 -31.07
N ASN A 298 0.72 10.54 -30.48
CA ASN A 298 0.34 11.93 -30.59
C ASN A 298 -0.43 12.46 -29.39
N HIS A 299 -0.61 11.66 -28.34
CA HIS A 299 -1.68 11.82 -27.34
C HIS A 299 -1.95 13.26 -26.94
N VAL A 300 -0.88 14.07 -26.86
CA VAL A 300 -1.05 15.47 -26.51
C VAL A 300 -1.85 16.21 -27.59
N LEU A 301 -1.59 15.91 -28.85
CA LEU A 301 -2.20 16.69 -29.94
C LEU A 301 -3.52 16.10 -30.41
N ILE A 302 -3.69 14.77 -30.35
CA ILE A 302 -4.92 14.16 -30.83
C ILE A 302 -6.12 14.65 -30.04
N PHE A 303 -6.02 14.61 -28.71
CA PHE A 303 -7.13 15.02 -27.85
C PHE A 303 -7.27 16.52 -27.73
N GLU A 304 -6.34 17.29 -28.30
CA GLU A 304 -6.35 18.75 -28.21
C GLU A 304 -6.30 19.20 -26.75
N LEU A 305 -5.55 18.46 -25.93
CA LEU A 305 -5.33 18.84 -24.55
C LEU A 305 -4.28 19.95 -24.47
N ASN A 306 -4.09 20.47 -23.27
CA ASN A 306 -3.07 21.48 -23.05
C ASN A 306 -1.68 20.87 -23.25
N PRO A 307 -0.76 21.61 -23.89
CA PRO A 307 0.60 21.06 -24.07
C PRO A 307 1.33 20.81 -22.77
N ARG A 308 0.91 21.45 -21.68
CA ARG A 308 1.48 21.24 -20.35
C ARG A 308 0.40 20.72 -19.42
N SER A 309 0.83 20.27 -18.24
CA SER A 309 -0.06 19.77 -17.20
C SER A 309 -0.95 18.65 -17.73
N ASN A 310 -0.34 17.71 -18.44
CA ASN A 310 -1.05 16.54 -18.96
C ASN A 310 -0.84 15.36 -18.01
N LEU A 311 -1.93 14.65 -17.71
CA LEU A 311 -1.83 13.53 -16.80
C LEU A 311 -1.01 12.40 -17.42
N SER A 312 -0.11 11.83 -16.62
CA SER A 312 0.67 10.68 -17.00
C SER A 312 0.01 9.41 -16.46
N HIS A 313 0.56 8.26 -16.82
CA HIS A 313 -0.01 6.99 -16.39
C HIS A 313 -0.02 6.87 -14.88
N GLN A 314 1.01 7.42 -14.21
CA GLN A 314 1.06 7.35 -12.77
C GLN A 314 -0.08 8.13 -12.13
N HIS A 315 -0.46 9.26 -12.72
CA HIS A 315 -1.58 10.04 -12.17
C HIS A 315 -2.90 9.29 -12.30
N LEU A 316 -3.11 8.64 -13.45
CA LEU A 316 -4.31 7.82 -13.62
C LEU A 316 -4.31 6.66 -12.63
N PHE A 317 -3.14 6.06 -12.41
CA PHE A 317 -3.04 5.00 -11.40
C PHE A 317 -3.35 5.53 -10.01
N GLU A 318 -2.93 6.77 -9.73
CA GLU A 318 -3.23 7.39 -8.44
C GLU A 318 -4.73 7.55 -8.23
N ILE A 319 -5.41 8.14 -9.21
CA ILE A 319 -6.85 8.35 -9.08
C ILE A 319 -7.58 7.01 -9.00
N ALA A 320 -7.18 6.06 -9.85
CA ALA A 320 -7.81 4.75 -9.82
C ALA A 320 -7.60 4.06 -8.48
N GLY A 321 -6.42 4.22 -7.89
CA GLY A 321 -6.17 3.63 -6.59
C GLY A 321 -7.00 4.26 -5.49
N PHE A 322 -7.16 5.58 -5.52
CA PHE A 322 -8.01 6.23 -4.54
C PHE A 322 -9.45 5.74 -4.67
N LEU A 323 -9.96 5.68 -5.90
CA LEU A 323 -11.32 5.20 -6.10
C LEU A 323 -11.46 3.73 -5.70
N GLY A 324 -10.43 2.92 -5.96
CA GLY A 324 -10.48 1.53 -5.55
C GLY A 324 -10.46 1.37 -4.03
N ILE A 325 -9.70 2.21 -3.34
CA ILE A 325 -9.72 2.20 -1.88
C ILE A 325 -11.11 2.55 -1.38
N LEU A 326 -11.73 3.58 -1.95
CA LEU A 326 -13.08 3.93 -1.55
C LEU A 326 -14.06 2.80 -1.83
N TRP A 327 -13.93 2.18 -3.01
CA TRP A 327 -14.83 1.09 -3.39
C TRP A 327 -14.68 -0.10 -2.45
N CYS A 328 -13.44 -0.47 -2.12
CA CYS A 328 -13.21 -1.60 -1.25
C CYS A 328 -13.65 -1.30 0.18
N LEU A 329 -13.47 -0.06 0.64
CA LEU A 329 -13.96 0.32 1.95
C LEU A 329 -15.48 0.26 2.00
N SER A 330 -16.15 0.70 0.94
CA SER A 330 -17.60 0.61 0.90
C SER A 330 -18.07 -0.84 0.88
N LEU A 331 -17.37 -1.70 0.12
CA LEU A 331 -17.73 -3.12 0.10
C LEU A 331 -17.52 -3.76 1.46
N LEU A 332 -16.40 -3.46 2.12
CA LEU A 332 -16.17 -3.99 3.46
C LEU A 332 -17.18 -3.47 4.45
N ALA A 333 -17.61 -2.22 4.29
CA ALA A 333 -18.66 -1.68 5.15
C ALA A 333 -19.97 -2.42 4.93
N CYS A 334 -20.30 -2.73 3.68
CA CYS A 334 -21.52 -3.49 3.40
C CYS A 334 -21.44 -4.88 4.01
N PHE A 335 -20.30 -5.55 3.90
CA PHE A 335 -20.14 -6.88 4.47
C PHE A 335 -20.01 -6.87 5.99
N PHE A 336 -19.65 -5.73 6.57
CA PHE A 336 -19.45 -5.56 8.01
C PHE A 336 -20.29 -4.41 8.52
N ALA A 337 -21.58 -4.43 8.19
CA ALA A 337 -22.56 -3.40 8.52
C ALA A 337 -22.46 -2.89 9.96
N PRO A 338 -22.14 -3.73 10.97
CA PRO A 338 -21.96 -3.19 12.34
C PRO A 338 -20.88 -2.13 12.47
N ILE A 339 -20.23 -1.77 11.36
CA ILE A 339 -19.20 -0.74 11.41
C ILE A 339 -19.77 0.59 11.90
N SER A 340 -21.00 0.92 11.52
CA SER A 340 -21.60 2.18 11.93
C SER A 340 -23.12 2.07 11.82
N VAL A 341 -23.80 3.16 12.17
CA VAL A 341 -25.25 3.28 12.08
C VAL A 341 -25.63 3.61 10.64
N ILE A 342 -26.94 3.58 10.35
CA ILE A 342 -27.47 3.81 9.02
C ILE A 342 -26.92 2.73 8.09
N PRO A 343 -27.36 1.48 8.24
CA PRO A 343 -26.72 0.37 7.52
C PRO A 343 -26.98 0.40 6.03
N THR A 344 -26.07 -0.22 5.29
CA THR A 344 -26.23 -0.60 3.89
C THR A 344 -26.39 0.58 2.94
N TYR A 345 -27.56 1.24 2.95
CA TYR A 345 -27.94 2.14 1.86
C TYR A 345 -26.86 3.18 1.58
N VAL A 346 -26.31 3.78 2.65
CA VAL A 346 -25.42 4.91 2.47
C VAL A 346 -24.12 4.50 1.79
N TYR A 347 -23.62 3.29 2.06
CA TYR A 347 -22.27 2.95 1.61
C TYR A 347 -22.09 3.02 0.10
N PRO A 348 -22.91 2.36 -0.73
CA PRO A 348 -22.77 2.58 -2.18
C PRO A 348 -23.07 4.03 -2.54
N LEU A 349 -24.07 4.58 -1.85
CA LEU A 349 -24.42 5.98 -2.05
C LEU A 349 -23.25 6.88 -1.68
N ALA A 350 -22.58 6.57 -0.57
CA ALA A 350 -21.42 7.36 -0.16
C ALA A 350 -20.30 7.25 -1.18
N LEU A 351 -20.05 6.05 -1.69
CA LEU A 351 -18.99 5.86 -2.68
C LEU A 351 -19.26 6.69 -3.93
N TYR A 352 -20.45 6.55 -4.50
CA TYR A 352 -20.74 7.25 -5.75
C TYR A 352 -20.88 8.75 -5.53
N GLY A 353 -21.39 9.16 -4.37
CA GLY A 353 -21.44 10.58 -4.07
C GLY A 353 -20.05 11.18 -3.93
N PHE A 354 -19.13 10.44 -3.30
CA PHE A 354 -17.75 10.90 -3.23
C PHE A 354 -17.10 10.98 -4.61
N MET A 355 -17.39 10.01 -5.48
CA MET A 355 -16.89 10.07 -6.85
C MET A 355 -17.46 11.27 -7.61
N VAL A 356 -18.71 11.62 -7.37
CA VAL A 356 -19.30 12.81 -8.00
C VAL A 356 -18.70 14.08 -7.41
N PHE A 357 -18.50 14.13 -6.09
CA PHE A 357 -17.92 15.33 -5.47
C PHE A 357 -16.51 15.56 -5.97
N PHE A 358 -15.73 14.50 -6.12
CA PHE A 358 -14.39 14.62 -6.69
C PHE A 358 -14.47 15.09 -8.14
N LEU A 359 -15.53 14.71 -8.85
CA LEU A 359 -15.66 15.07 -10.25
C LEU A 359 -15.99 16.54 -10.41
N ILE A 360 -17.14 16.97 -9.88
CA ILE A 360 -17.56 18.36 -9.96
C ILE A 360 -17.14 19.03 -8.66
N ASN A 361 -16.06 19.79 -8.73
CA ASN A 361 -15.52 20.47 -7.56
C ASN A 361 -14.69 21.67 -7.99
N PRO A 362 -15.24 22.89 -7.94
CA PRO A 362 -14.49 24.06 -8.36
C PRO A 362 -13.44 24.53 -7.38
N THR A 363 -13.23 23.80 -6.27
CA THR A 363 -12.26 24.21 -5.27
C THR A 363 -10.82 24.11 -5.73
N LYS A 364 -10.56 23.48 -6.88
CA LYS A 364 -9.24 23.41 -7.48
C LYS A 364 -8.23 22.75 -6.53
N THR A 365 -8.57 21.54 -6.08
CA THR A 365 -7.71 20.85 -5.12
C THR A 365 -6.55 20.14 -5.83
N PHE A 366 -6.87 19.14 -6.66
CA PHE A 366 -5.86 18.26 -7.24
C PHE A 366 -6.33 17.82 -8.62
N TYR A 367 -5.51 18.11 -9.63
CA TYR A 367 -5.84 17.81 -11.03
C TYR A 367 -7.19 18.41 -11.41
N TYR A 368 -7.45 19.63 -10.93
CA TYR A 368 -8.75 20.25 -11.21
C TYR A 368 -8.95 20.47 -12.70
N LYS A 369 -7.88 20.69 -13.44
CA LYS A 369 -8.00 20.86 -14.89
C LYS A 369 -8.57 19.60 -15.52
N SER A 370 -8.11 18.43 -15.09
CA SER A 370 -8.59 17.18 -15.67
C SER A 370 -10.07 16.96 -15.39
N ARG A 371 -10.49 17.15 -14.14
CA ARG A 371 -11.89 16.94 -13.80
C ARG A 371 -12.78 17.95 -14.50
N PHE A 372 -12.32 19.21 -14.63
CA PHE A 372 -13.12 20.21 -15.34
C PHE A 372 -13.21 19.87 -16.82
N TRP A 373 -12.12 19.41 -17.42
CA TRP A 373 -12.15 19.01 -18.82
C TRP A 373 -13.12 17.86 -19.05
N LEU A 374 -13.11 16.88 -18.13
CA LEU A 374 -14.05 15.78 -18.22
C LEU A 374 -15.48 16.26 -18.09
N LEU A 375 -15.73 17.20 -17.17
CA LEU A 375 -17.08 17.74 -17.00
C LEU A 375 -17.54 18.45 -18.26
N LYS A 376 -16.67 19.26 -18.86
CA LYS A 376 -17.03 19.97 -20.08
C LYS A 376 -17.31 19.00 -21.22
N LEU A 377 -16.50 17.94 -21.33
CA LEU A 377 -16.73 16.96 -22.38
C LEU A 377 -18.06 16.22 -22.18
N LEU A 378 -18.40 15.90 -20.93
CA LEU A 378 -19.64 15.16 -20.69
C LEU A 378 -20.85 15.94 -21.17
N PHE A 379 -20.86 17.26 -20.96
CA PHE A 379 -21.94 18.06 -21.50
C PHE A 379 -21.94 18.04 -23.02
N ARG A 380 -20.76 18.13 -23.63
CA ARG A 380 -20.67 18.12 -25.09
C ARG A 380 -21.04 16.78 -25.69
N VAL A 381 -21.05 15.72 -24.90
CA VAL A 381 -21.28 14.38 -25.42
C VAL A 381 -22.66 13.87 -25.00
N PHE A 382 -22.90 13.81 -23.69
CA PHE A 382 -24.09 13.15 -23.18
C PHE A 382 -25.38 13.89 -23.53
N THR A 383 -25.30 15.13 -24.00
CA THR A 383 -26.51 15.92 -24.21
C THR A 383 -27.19 15.60 -25.54
N ALA A 384 -26.52 15.91 -26.65
CA ALA A 384 -27.22 15.97 -27.93
C ALA A 384 -26.25 16.15 -29.09
N PRO A 385 -26.71 16.03 -30.34
CA PRO A 385 -25.84 16.33 -31.48
C PRO A 385 -25.67 17.82 -31.78
N PHE A 386 -26.16 18.70 -30.91
CA PHE A 386 -26.01 20.14 -31.15
C PHE A 386 -24.55 20.57 -31.15
N HIS A 387 -23.77 20.05 -30.21
CA HIS A 387 -22.38 20.47 -30.08
C HIS A 387 -21.55 19.95 -31.25
N LYS A 388 -20.48 20.67 -31.57
CA LYS A 388 -19.50 20.19 -32.53
C LYS A 388 -18.87 18.90 -32.00
N VAL A 389 -18.59 17.97 -32.90
CA VAL A 389 -18.02 16.68 -32.54
C VAL A 389 -16.53 16.69 -32.84
N GLY A 390 -15.73 16.52 -31.78
CA GLY A 390 -14.29 16.42 -31.91
C GLY A 390 -13.80 15.04 -31.51
N PHE A 391 -12.46 14.87 -31.62
CA PHE A 391 -11.87 13.56 -31.34
C PHE A 391 -12.13 13.13 -29.92
N ALA A 392 -11.94 14.03 -28.96
CA ALA A 392 -12.17 13.66 -27.56
C ALA A 392 -13.63 13.34 -27.30
N ASP A 393 -14.54 14.13 -27.87
CA ASP A 393 -15.96 13.86 -27.70
C ASP A 393 -16.35 12.52 -28.30
N PHE A 394 -15.87 12.26 -29.52
CA PHE A 394 -16.13 10.96 -30.15
C PHE A 394 -15.56 9.83 -29.33
N TRP A 395 -14.35 10.01 -28.80
CA TRP A 395 -13.69 8.96 -28.02
C TRP A 395 -14.48 8.63 -26.77
N LEU A 396 -14.91 9.66 -26.03
CA LEU A 396 -15.68 9.42 -24.81
C LEU A 396 -17.01 8.77 -25.12
N ALA A 397 -17.73 9.29 -26.13
CA ALA A 397 -19.00 8.69 -26.50
C ALA A 397 -18.82 7.26 -26.97
N ASP A 398 -17.69 6.94 -27.60
CA ASP A 398 -17.47 5.61 -28.12
C ASP A 398 -17.18 4.62 -27.01
N GLN A 399 -16.33 5.01 -26.05
CA GLN A 399 -16.03 4.08 -24.97
C GLN A 399 -17.14 4.01 -23.95
N LEU A 400 -18.08 4.97 -23.96
CA LEU A 400 -19.30 4.75 -23.23
C LEU A 400 -20.06 3.55 -23.78
N ASN A 401 -19.90 3.24 -25.07
CA ASN A 401 -20.55 2.05 -25.64
C ASN A 401 -20.06 0.75 -25.02
N SER A 402 -18.91 0.78 -24.34
CA SER A 402 -18.39 -0.39 -23.67
C SER A 402 -18.52 -0.32 -22.15
N LEU A 403 -18.49 0.87 -21.57
CA LEU A 403 -18.75 0.96 -20.13
C LEU A 403 -20.20 1.32 -19.81
N SER A 404 -21.13 1.14 -20.76
CA SER A 404 -22.54 1.40 -20.51
C SER A 404 -23.14 0.50 -19.44
N VAL A 405 -22.37 -0.45 -18.92
CA VAL A 405 -22.85 -1.24 -17.79
C VAL A 405 -23.15 -0.32 -16.61
N ILE A 406 -22.33 0.72 -16.43
CA ILE A 406 -22.59 1.69 -15.37
C ILE A 406 -23.90 2.43 -15.62
N LEU A 407 -24.19 2.79 -16.87
CA LEU A 407 -25.44 3.47 -17.17
C LEU A 407 -26.63 2.56 -16.91
N MET A 408 -26.50 1.27 -17.22
CA MET A 408 -27.57 0.32 -16.91
C MET A 408 -27.78 0.20 -15.41
N ASP A 409 -26.70 -0.01 -14.66
CA ASP A 409 -26.86 -0.27 -13.24
C ASP A 409 -27.20 1.00 -12.46
N LEU A 410 -27.01 2.17 -13.06
CA LEU A 410 -27.47 3.39 -12.40
C LEU A 410 -28.99 3.43 -12.32
N GLU A 411 -29.65 3.21 -13.45
CA GLU A 411 -31.10 3.07 -13.44
C GLU A 411 -31.53 1.87 -12.63
N TYR A 412 -30.70 0.81 -12.62
CA TYR A 412 -31.00 -0.34 -11.78
C TYR A 412 -31.00 0.03 -10.30
N MET A 413 -30.03 0.83 -9.87
CA MET A 413 -30.00 1.32 -8.50
C MET A 413 -31.22 2.16 -8.20
N ILE A 414 -31.60 3.04 -9.12
CA ILE A 414 -32.78 3.88 -8.91
C ILE A 414 -34.02 3.02 -8.71
N CYS A 415 -34.26 2.05 -9.60
CA CYS A 415 -35.42 1.20 -9.48
C CYS A 415 -35.35 0.32 -8.23
N PHE A 416 -34.18 -0.22 -7.93
CA PHE A 416 -34.02 -1.13 -6.80
C PHE A 416 -34.30 -0.41 -5.48
N TYR A 417 -33.74 0.79 -5.31
CA TYR A 417 -34.05 1.58 -4.13
C TYR A 417 -35.53 1.97 -4.11
N SER A 418 -36.08 2.30 -5.28
CA SER A 418 -37.47 2.76 -5.34
C SER A 418 -38.44 1.66 -4.96
N LEU A 419 -38.29 0.47 -5.57
CA LEU A 419 -39.28 -0.58 -5.42
C LEU A 419 -38.72 -1.84 -4.77
N GLU A 420 -37.63 -2.40 -5.30
CA GLU A 420 -37.18 -3.71 -4.86
C GLU A 420 -36.71 -3.70 -3.42
N LEU A 421 -36.04 -2.63 -3.00
CA LEU A 421 -35.46 -2.58 -1.66
C LEU A 421 -36.56 -2.57 -0.61
N LYS A 422 -36.40 -3.41 0.43
CA LYS A 422 -37.32 -3.37 1.55
C LYS A 422 -37.28 -2.02 2.25
N TRP A 423 -36.10 -1.63 2.73
CA TRP A 423 -35.84 -0.28 3.24
C TRP A 423 -36.84 0.10 4.32
N ASP A 424 -37.14 -0.83 5.23
CA ASP A 424 -38.09 -0.56 6.31
C ASP A 424 -37.43 -0.57 7.68
N GLU A 425 -36.82 -1.68 8.10
CA GLU A 425 -36.18 -1.70 9.40
C GLU A 425 -34.67 -1.49 9.30
N SER A 426 -33.97 -2.46 8.68
CA SER A 426 -32.52 -2.44 8.55
C SER A 426 -32.06 -3.65 7.74
N LYS A 427 -30.95 -3.50 7.00
CA LYS A 427 -30.27 -4.60 6.33
C LYS A 427 -31.18 -5.33 5.33
N GLY A 428 -32.25 -4.67 4.89
CA GLY A 428 -33.20 -5.31 4.00
C GLY A 428 -32.60 -5.65 2.64
N LEU A 429 -32.39 -6.95 2.40
CA LEU A 429 -31.84 -7.38 1.12
C LEU A 429 -32.53 -8.64 0.60
N LEU A 430 -33.56 -9.15 1.29
CA LEU A 430 -34.31 -10.33 0.90
C LEU A 430 -33.37 -11.51 0.63
N PRO A 431 -32.82 -12.13 1.68
CA PRO A 431 -31.92 -13.29 1.56
C PRO A 431 -32.50 -14.42 0.73
N GLY A 446 -38.69 -2.39 -19.63
CA GLY A 446 -39.22 -1.39 -20.53
C GLY A 446 -38.26 -0.26 -20.81
N VAL A 447 -38.07 0.61 -19.81
CA VAL A 447 -37.17 1.76 -19.98
C VAL A 447 -35.72 1.31 -20.11
N ARG A 448 -35.39 0.12 -19.57
CA ARG A 448 -34.01 -0.37 -19.64
C ARG A 448 -33.54 -0.52 -21.07
N ALA A 449 -34.43 -0.90 -21.98
CA ALA A 449 -34.06 -0.98 -23.39
C ALA A 449 -33.68 0.38 -23.93
N ILE A 450 -34.40 1.42 -23.51
CA ILE A 450 -34.05 2.78 -23.90
C ILE A 450 -32.69 3.15 -23.33
N VAL A 451 -32.45 2.82 -22.06
CA VAL A 451 -31.20 3.18 -21.41
C VAL A 451 -30.02 2.52 -22.11
N GLN A 452 -30.18 1.26 -22.50
CA GLN A 452 -29.10 0.53 -23.15
C GLN A 452 -28.68 1.19 -24.45
N CYS A 453 -29.61 1.85 -25.13
CA CYS A 453 -29.32 2.47 -26.42
C CYS A 453 -28.80 3.89 -26.31
N ILE A 454 -28.75 4.46 -25.09
CA ILE A 454 -28.23 5.81 -24.94
C ILE A 454 -26.78 5.92 -25.42
N PRO A 455 -25.86 5.04 -25.04
CA PRO A 455 -24.51 5.10 -25.64
C PRO A 455 -24.50 4.85 -27.14
N ALA A 456 -25.54 4.20 -27.67
CA ALA A 456 -25.65 4.04 -29.11
C ALA A 456 -26.34 5.24 -29.74
N TRP A 457 -27.35 5.78 -29.05
CA TRP A 457 -28.04 6.96 -29.55
C TRP A 457 -27.07 8.13 -29.68
N LEU A 458 -26.19 8.31 -28.68
CA LEU A 458 -25.23 9.39 -28.72
C LEU A 458 -24.31 9.29 -29.93
N ARG A 459 -23.79 8.10 -30.21
CA ARG A 459 -22.91 7.93 -31.35
C ARG A 459 -23.66 8.11 -32.66
N PHE A 460 -24.91 7.63 -32.73
CA PHE A 460 -25.69 7.79 -33.94
C PHE A 460 -25.92 9.27 -34.24
N ILE A 461 -26.36 10.04 -33.25
CA ILE A 461 -26.63 11.46 -33.50
C ILE A 461 -25.33 12.23 -33.71
N GLN A 462 -24.23 11.82 -33.07
CA GLN A 462 -22.95 12.46 -33.32
C GLN A 462 -22.51 12.27 -34.77
N CYS A 463 -22.65 11.05 -35.29
CA CYS A 463 -22.29 10.83 -36.68
C CYS A 463 -23.23 11.56 -37.63
N LEU A 464 -24.51 11.65 -37.28
CA LEU A 464 -25.44 12.44 -38.08
C LEU A 464 -25.03 13.91 -38.12
N ARG A 465 -24.62 14.45 -36.97
CA ARG A 465 -24.10 15.82 -36.93
C ARG A 465 -22.84 15.95 -37.77
N ARG A 466 -21.96 14.95 -37.70
CA ARG A 466 -20.75 14.96 -38.52
C ARG A 466 -21.09 15.07 -40.00
N TYR A 467 -22.04 14.26 -40.46
CA TYR A 467 -22.45 14.36 -41.86
C TYR A 467 -23.10 15.71 -42.15
N ARG A 468 -23.96 16.18 -41.23
CA ARG A 468 -24.68 17.42 -41.46
C ARG A 468 -23.74 18.59 -41.66
N ASP A 469 -22.61 18.60 -40.95
CA ASP A 469 -21.59 19.61 -41.14
C ASP A 469 -20.49 19.16 -42.10
N THR A 470 -20.60 17.98 -42.69
CA THR A 470 -19.58 17.44 -43.59
C THR A 470 -20.00 17.41 -45.04
N LYS A 471 -21.23 17.00 -45.33
CA LYS A 471 -21.75 16.85 -46.69
C LYS A 471 -20.96 15.83 -47.50
N ARG A 472 -20.27 14.91 -46.81
CA ARG A 472 -19.49 13.86 -47.48
C ARG A 472 -19.50 12.64 -46.55
N ALA A 473 -20.46 11.75 -46.78
CA ALA A 473 -20.64 10.57 -45.92
C ALA A 473 -19.98 9.35 -46.56
N PHE A 474 -18.65 9.38 -46.61
CA PHE A 474 -17.94 8.17 -46.99
C PHE A 474 -17.87 7.21 -45.79
N PRO A 475 -17.39 7.63 -44.62
CA PRO A 475 -17.43 6.74 -43.45
C PRO A 475 -18.58 6.97 -42.47
N HIS A 476 -19.35 8.04 -42.63
CA HIS A 476 -20.26 8.47 -41.56
C HIS A 476 -21.55 7.66 -41.55
N LEU A 477 -22.27 7.61 -42.68
CA LEU A 477 -23.49 6.82 -42.74
C LEU A 477 -23.22 5.34 -42.50
N VAL A 478 -22.03 4.86 -42.85
CA VAL A 478 -21.66 3.49 -42.52
C VAL A 478 -21.65 3.30 -41.00
N ASN A 479 -21.06 4.25 -40.28
CA ASN A 479 -21.05 4.18 -38.82
C ASN A 479 -22.47 4.28 -38.25
N ALA A 480 -23.29 5.13 -38.84
CA ALA A 480 -24.67 5.25 -38.39
C ALA A 480 -25.41 3.92 -38.55
N GLY A 481 -25.20 3.24 -39.68
CA GLY A 481 -25.77 1.92 -39.83
C GLY A 481 -25.21 0.93 -38.82
N LYS A 482 -23.92 1.06 -38.51
CA LYS A 482 -23.30 0.17 -37.53
C LYS A 482 -24.00 0.29 -36.17
N TYR A 483 -24.27 1.52 -35.74
CA TYR A 483 -24.96 1.69 -34.46
C TYR A 483 -26.45 1.39 -34.57
N SER A 484 -27.03 1.56 -35.75
CA SER A 484 -28.42 1.14 -35.95
C SER A 484 -28.56 -0.38 -35.84
N THR A 485 -27.49 -1.12 -36.12
CA THR A 485 -27.55 -2.56 -35.89
C THR A 485 -27.74 -2.86 -34.41
N THR A 486 -27.02 -2.14 -33.54
CA THR A 486 -27.27 -2.27 -32.10
C THR A 486 -28.69 -1.84 -31.76
N PHE A 487 -29.17 -0.76 -32.39
CA PHE A 487 -30.55 -0.34 -32.21
C PHE A 487 -31.52 -1.48 -32.48
N PHE A 488 -31.39 -2.12 -33.64
CA PHE A 488 -32.30 -3.19 -34.03
C PHE A 488 -32.18 -4.39 -33.12
N MET A 489 -30.95 -4.77 -32.75
CA MET A 489 -30.77 -5.93 -31.90
C MET A 489 -31.41 -5.71 -30.53
N VAL A 490 -31.20 -4.53 -29.94
CA VAL A 490 -31.83 -4.24 -28.65
C VAL A 490 -33.33 -4.22 -28.79
N THR A 491 -33.84 -3.60 -29.86
CA THR A 491 -35.29 -3.52 -30.06
C THR A 491 -35.91 -4.90 -30.13
N PHE A 492 -35.35 -5.79 -30.94
CA PHE A 492 -35.94 -7.11 -31.10
C PHE A 492 -35.69 -8.01 -29.90
N ALA A 493 -34.59 -7.80 -29.16
CA ALA A 493 -34.43 -8.48 -27.89
C ALA A 493 -35.55 -8.12 -26.92
N ALA A 494 -35.86 -6.82 -26.85
CA ALA A 494 -36.95 -6.37 -25.99
C ALA A 494 -38.28 -6.95 -26.45
N LEU A 495 -38.52 -6.95 -27.77
CA LEU A 495 -39.76 -7.50 -28.30
C LEU A 495 -39.89 -8.99 -27.99
N TYR A 496 -38.80 -9.73 -28.13
CA TYR A 496 -38.81 -11.15 -27.80
C TYR A 496 -39.09 -11.38 -26.33
N SER A 497 -38.41 -10.64 -25.46
CA SER A 497 -38.61 -10.81 -24.03
C SER A 497 -39.99 -10.33 -23.58
N THR A 498 -40.64 -9.49 -24.38
CA THR A 498 -42.00 -9.05 -24.06
C THR A 498 -43.05 -10.05 -24.53
N HIS A 499 -42.91 -10.56 -25.75
CA HIS A 499 -43.93 -11.42 -26.33
C HIS A 499 -43.68 -12.91 -26.11
N LYS A 500 -42.60 -13.29 -25.42
CA LYS A 500 -42.43 -14.70 -25.07
C LYS A 500 -43.50 -15.16 -24.10
N GLU A 501 -43.84 -14.34 -23.10
CA GLU A 501 -44.75 -14.73 -22.03
C GLU A 501 -46.11 -14.07 -22.15
N ARG A 502 -46.39 -13.39 -23.26
CA ARG A 502 -47.67 -12.69 -23.42
C ARG A 502 -48.43 -13.23 -24.62
N GLY A 503 -48.53 -14.54 -24.74
CA GLY A 503 -49.12 -15.12 -25.94
C GLY A 503 -48.22 -14.88 -27.13
N HIS A 504 -48.84 -14.58 -28.28
CA HIS A 504 -48.10 -14.24 -29.50
C HIS A 504 -47.11 -15.35 -29.88
N SER A 505 -47.69 -16.49 -30.26
CA SER A 505 -46.92 -17.69 -30.59
C SER A 505 -45.96 -17.48 -31.76
N ASP A 506 -45.98 -16.29 -32.36
CA ASP A 506 -45.03 -15.91 -33.38
C ASP A 506 -43.68 -15.47 -32.82
N THR A 507 -43.40 -15.82 -31.55
CA THR A 507 -42.15 -15.43 -30.91
C THR A 507 -40.94 -16.05 -31.60
N MET A 508 -41.11 -17.18 -32.30
CA MET A 508 -39.99 -17.76 -33.03
C MET A 508 -39.51 -16.82 -34.14
N VAL A 509 -40.43 -16.05 -34.72
CA VAL A 509 -40.03 -15.05 -35.71
C VAL A 509 -39.14 -13.99 -35.06
N PHE A 510 -39.52 -13.54 -33.86
CA PHE A 510 -38.69 -12.58 -33.14
C PHE A 510 -37.34 -13.18 -32.80
N PHE A 511 -37.31 -14.46 -32.44
CA PHE A 511 -36.03 -15.10 -32.14
C PHE A 511 -35.13 -15.17 -33.36
N TYR A 512 -35.70 -15.51 -34.53
CA TYR A 512 -34.91 -15.56 -35.75
C TYR A 512 -34.39 -14.17 -36.11
N LEU A 513 -35.24 -13.15 -35.94
CA LEU A 513 -34.80 -11.77 -36.19
C LEU A 513 -33.69 -11.37 -35.22
N TRP A 514 -33.81 -11.77 -33.96
CA TRP A 514 -32.75 -11.50 -32.99
C TRP A 514 -31.45 -12.16 -33.40
N ILE A 515 -31.52 -13.41 -33.86
CA ILE A 515 -30.32 -14.12 -34.26
C ILE A 515 -29.65 -13.42 -35.44
N VAL A 516 -30.45 -13.08 -36.46
CA VAL A 516 -29.86 -12.47 -37.65
C VAL A 516 -29.30 -11.10 -37.32
N PHE A 517 -29.97 -10.35 -36.45
CA PHE A 517 -29.46 -9.02 -36.08
C PHE A 517 -28.22 -9.12 -35.20
N TYR A 518 -28.17 -10.12 -34.32
CA TYR A 518 -26.94 -10.39 -33.56
C TYR A 518 -25.78 -10.64 -34.51
N ILE A 519 -25.98 -11.52 -35.50
CA ILE A 519 -24.91 -11.82 -36.45
C ILE A 519 -24.52 -10.57 -37.22
N ILE A 520 -25.51 -9.81 -37.68
CA ILE A 520 -25.23 -8.63 -38.51
C ILE A 520 -24.47 -7.59 -37.71
N SER A 521 -24.91 -7.31 -36.48
CA SER A 521 -24.24 -6.32 -35.65
C SER A 521 -22.82 -6.76 -35.33
N SER A 522 -22.63 -8.04 -34.96
CA SER A 522 -21.29 -8.51 -34.63
C SER A 522 -20.36 -8.38 -35.83
N CYS A 523 -20.81 -8.83 -37.01
CA CYS A 523 -19.96 -8.74 -38.19
C CYS A 523 -19.68 -7.30 -38.56
N TYR A 524 -20.70 -6.44 -38.49
CA TYR A 524 -20.53 -5.03 -38.84
C TYR A 524 -19.51 -4.36 -37.94
N THR A 525 -19.68 -4.48 -36.63
CA THR A 525 -18.76 -3.85 -35.70
C THR A 525 -17.36 -4.43 -35.84
N LEU A 526 -17.25 -5.76 -35.97
CA LEU A 526 -15.94 -6.39 -36.06
C LEU A 526 -15.19 -5.93 -37.30
N ILE A 527 -15.87 -5.93 -38.46
CA ILE A 527 -15.19 -5.55 -39.68
C ILE A 527 -14.87 -4.06 -39.68
N TRP A 528 -15.76 -3.24 -39.10
CA TRP A 528 -15.48 -1.81 -38.99
C TRP A 528 -14.26 -1.55 -38.13
N ASP A 529 -14.12 -2.30 -37.03
CA ASP A 529 -12.93 -2.19 -36.20
C ASP A 529 -11.68 -2.63 -36.95
N LEU A 530 -11.74 -3.78 -37.63
CA LEU A 530 -10.53 -4.36 -38.19
C LEU A 530 -10.05 -3.60 -39.42
N LYS A 531 -10.97 -3.27 -40.34
CA LYS A 531 -10.55 -2.79 -41.66
C LYS A 531 -10.36 -1.29 -41.69
N MET A 532 -11.21 -0.54 -40.96
CA MET A 532 -11.18 0.91 -41.06
C MET A 532 -10.97 1.63 -39.74
N ASP A 533 -11.30 1.00 -38.61
CA ASP A 533 -11.04 1.64 -37.32
C ASP A 533 -9.58 1.44 -36.90
N TRP A 534 -9.16 0.19 -36.74
CA TRP A 534 -7.76 -0.08 -36.44
C TRP A 534 -6.86 0.17 -37.64
N GLY A 535 -7.41 0.13 -38.85
CA GLY A 535 -6.62 0.33 -40.05
C GLY A 535 -5.88 -0.89 -40.54
N LEU A 536 -6.28 -2.08 -40.12
CA LEU A 536 -5.59 -3.31 -40.51
C LEU A 536 -6.13 -3.82 -41.84
N PHE A 537 -5.62 -4.99 -42.27
CA PHE A 537 -6.02 -5.64 -43.51
C PHE A 537 -5.79 -4.74 -44.73
N ASP A 538 -4.80 -3.86 -44.65
CA ASP A 538 -4.52 -2.95 -45.74
C ASP A 538 -3.87 -3.70 -46.90
N LYS A 539 -4.51 -3.64 -48.07
CA LYS A 539 -3.99 -4.33 -49.24
C LYS A 539 -2.65 -3.77 -49.71
N ASN A 540 -2.35 -2.50 -49.39
CA ASN A 540 -1.10 -1.90 -49.81
C ASN A 540 0.09 -2.40 -49.03
N ALA A 541 -0.12 -3.03 -47.87
CA ALA A 541 0.98 -3.55 -47.09
C ALA A 541 1.65 -4.71 -47.83
N GLY A 542 2.99 -4.74 -47.77
CA GLY A 542 3.74 -5.78 -48.44
C GLY A 542 4.09 -6.94 -47.53
N GLU A 543 4.52 -6.62 -46.31
CA GLU A 543 4.90 -7.60 -45.32
C GLU A 543 3.95 -7.52 -44.13
N ASN A 544 4.03 -8.52 -43.26
CA ASN A 544 3.18 -8.64 -42.08
C ASN A 544 1.71 -8.64 -42.47
N THR A 545 1.32 -9.70 -43.17
CA THR A 545 -0.01 -9.83 -43.72
C THR A 545 -1.07 -9.71 -42.63
N PHE A 546 -2.30 -9.45 -43.07
CA PHE A 546 -3.49 -9.18 -42.26
C PHE A 546 -3.43 -7.82 -41.57
N LEU A 547 -2.35 -7.08 -41.70
CA LEU A 547 -2.21 -5.81 -40.99
C LEU A 547 -1.76 -4.71 -41.95
N ARG A 548 -1.43 -3.54 -41.42
CA ARG A 548 -1.11 -2.39 -42.26
C ARG A 548 0.40 -2.25 -42.45
N GLU A 549 0.78 -1.29 -43.29
CA GLU A 549 2.18 -1.15 -43.70
C GLU A 549 3.07 -0.76 -42.53
N GLU A 550 2.62 0.16 -41.68
CA GLU A 550 3.43 0.72 -40.61
C GLU A 550 3.01 0.13 -39.28
N ILE A 551 4.00 -0.31 -38.50
CA ILE A 551 3.76 -0.93 -37.20
C ILE A 551 4.50 -0.10 -36.16
N VAL A 552 3.74 0.60 -35.31
CA VAL A 552 4.36 1.36 -34.22
C VAL A 552 4.83 0.43 -33.12
N TYR A 553 4.05 -0.60 -32.81
CA TYR A 553 4.30 -1.43 -31.64
C TYR A 553 5.48 -2.35 -31.86
N PRO A 554 6.15 -2.77 -30.78
CA PRO A 554 7.44 -3.48 -30.94
C PRO A 554 7.37 -4.74 -31.79
N GLN A 555 6.33 -5.56 -31.66
CA GLN A 555 6.30 -6.82 -32.36
C GLN A 555 4.89 -7.11 -32.87
N LYS A 556 4.82 -7.86 -33.97
CA LYS A 556 3.54 -8.21 -34.56
C LYS A 556 2.79 -9.25 -33.73
N ALA A 557 3.44 -9.86 -32.75
CA ALA A 557 2.78 -10.86 -31.91
C ALA A 557 1.63 -10.24 -31.12
N TYR A 558 1.75 -8.96 -30.74
CA TYR A 558 0.68 -8.30 -30.03
C TYR A 558 -0.59 -8.15 -30.86
N TYR A 559 -0.48 -8.24 -32.19
CA TYR A 559 -1.60 -7.93 -33.07
C TYR A 559 -2.52 -9.13 -33.28
N TYR A 560 -1.96 -10.29 -33.58
CA TYR A 560 -2.79 -11.44 -33.94
C TYR A 560 -3.57 -11.97 -32.74
N CYS A 561 -2.92 -12.05 -31.58
CA CYS A 561 -3.63 -12.44 -30.37
C CYS A 561 -4.72 -11.44 -30.02
N ALA A 562 -4.41 -10.15 -30.20
CA ALA A 562 -5.41 -9.11 -29.97
C ALA A 562 -6.58 -9.26 -30.93
N ILE A 563 -6.30 -9.61 -32.19
CA ILE A 563 -7.37 -9.77 -33.17
C ILE A 563 -8.26 -10.95 -32.81
N ILE A 564 -7.66 -12.06 -32.40
CA ILE A 564 -8.45 -13.22 -32.00
C ILE A 564 -9.30 -12.88 -30.77
N GLU A 565 -8.69 -12.24 -29.78
CA GLU A 565 -9.43 -11.86 -28.58
C GLU A 565 -10.55 -10.88 -28.92
N ASP A 566 -10.29 -9.96 -29.85
CA ASP A 566 -11.32 -9.00 -30.26
C ASP A 566 -12.44 -9.70 -31.01
N VAL A 567 -12.13 -10.72 -31.81
CA VAL A 567 -13.17 -11.47 -32.49
C VAL A 567 -14.05 -12.19 -31.48
N ILE A 568 -13.46 -12.71 -30.41
CA ILE A 568 -14.25 -13.31 -29.35
C ILE A 568 -15.07 -12.25 -28.62
N LEU A 569 -14.44 -11.13 -28.28
CA LEU A 569 -15.06 -10.16 -27.39
C LEU A 569 -16.09 -9.30 -28.10
N ARG A 570 -16.04 -9.25 -29.43
CA ARG A 570 -17.11 -8.60 -30.18
C ARG A 570 -18.43 -9.33 -29.98
N PHE A 571 -18.40 -10.66 -30.09
CA PHE A 571 -19.59 -11.45 -29.81
C PHE A 571 -19.92 -11.43 -28.32
N ALA A 572 -18.90 -11.35 -27.47
CA ALA A 572 -19.14 -11.18 -26.04
C ALA A 572 -19.95 -9.92 -25.77
N TRP A 573 -19.50 -8.77 -26.31
CA TRP A 573 -20.22 -7.50 -26.14
C TRP A 573 -21.61 -7.57 -26.76
N THR A 574 -21.70 -8.19 -27.94
CA THR A 574 -22.98 -8.27 -28.65
C THR A 574 -24.01 -9.04 -27.83
N ILE A 575 -23.61 -10.13 -27.19
CA ILE A 575 -24.55 -10.89 -26.37
C ILE A 575 -24.74 -10.20 -25.03
N GLN A 576 -23.73 -9.48 -24.55
CA GLN A 576 -23.83 -8.83 -23.24
C GLN A 576 -24.87 -7.71 -23.27
N ILE A 577 -24.81 -6.86 -24.30
CA ILE A 577 -25.70 -5.71 -24.38
C ILE A 577 -27.12 -6.15 -24.69
N SER A 578 -27.28 -7.43 -25.01
CA SER A 578 -28.59 -8.02 -25.18
C SER A 578 -29.12 -8.68 -23.92
N ILE A 579 -28.26 -9.37 -23.17
CA ILE A 579 -28.67 -10.01 -21.92
C ILE A 579 -28.96 -8.98 -20.84
N THR A 580 -28.09 -7.98 -20.69
CA THR A 580 -28.32 -6.96 -19.67
C THR A 580 -29.55 -6.11 -19.96
N SER A 581 -29.97 -6.03 -21.22
CA SER A 581 -31.08 -5.15 -21.58
C SER A 581 -32.39 -5.64 -20.98
N THR A 582 -32.69 -6.93 -21.10
CA THR A 582 -33.96 -7.48 -20.64
C THR A 582 -33.77 -8.96 -20.35
N THR A 583 -34.88 -9.61 -19.99
CA THR A 583 -34.83 -11.02 -19.61
C THR A 583 -34.71 -11.92 -20.83
N LEU A 584 -33.60 -11.82 -21.55
CA LEU A 584 -33.35 -12.73 -22.66
C LEU A 584 -33.09 -14.14 -22.15
N LEU A 585 -32.27 -14.28 -21.11
CA LEU A 585 -31.94 -15.58 -20.51
C LEU A 585 -32.40 -15.59 -19.07
N PRO A 586 -33.55 -16.20 -18.76
CA PRO A 586 -33.97 -16.28 -17.35
C PRO A 586 -32.99 -17.04 -16.48
N HIS A 587 -32.35 -18.07 -17.02
CA HIS A 587 -31.33 -18.82 -16.28
C HIS A 587 -29.98 -18.13 -16.44
N SER A 588 -29.27 -17.99 -15.32
CA SER A 588 -27.96 -17.32 -15.28
C SER A 588 -28.16 -15.90 -15.80
N GLY A 589 -27.40 -15.45 -16.79
CA GLY A 589 -27.55 -14.10 -17.30
C GLY A 589 -26.80 -13.08 -16.49
N ASP A 590 -27.19 -12.91 -15.23
CA ASP A 590 -26.49 -11.99 -14.34
C ASP A 590 -25.03 -12.43 -14.14
N ILE A 591 -24.82 -13.72 -13.91
CA ILE A 591 -23.45 -14.24 -13.85
C ILE A 591 -22.74 -13.97 -15.16
N ILE A 592 -23.44 -14.20 -16.28
CA ILE A 592 -22.85 -13.93 -17.59
C ILE A 592 -22.51 -12.46 -17.72
N ALA A 593 -23.41 -11.57 -17.29
CA ALA A 593 -23.15 -10.14 -17.42
C ALA A 593 -21.94 -9.73 -16.60
N THR A 594 -21.84 -10.22 -15.37
CA THR A 594 -20.71 -9.87 -14.52
C THR A 594 -19.39 -10.42 -15.06
N VAL A 595 -19.41 -11.61 -15.63
CA VAL A 595 -18.20 -12.17 -16.21
C VAL A 595 -17.81 -11.41 -17.46
N PHE A 596 -18.79 -10.98 -18.26
CA PHE A 596 -18.52 -10.41 -19.57
C PHE A 596 -18.20 -8.93 -19.55
N ALA A 597 -18.68 -8.18 -18.57
CA ALA A 597 -18.42 -6.73 -18.55
C ALA A 597 -16.95 -6.39 -18.50
N PRO A 598 -16.12 -6.99 -17.62
CA PRO A 598 -14.69 -6.69 -17.68
C PRO A 598 -14.06 -7.09 -19.00
N LEU A 599 -14.63 -8.06 -19.71
CA LEU A 599 -14.13 -8.37 -21.05
C LEU A 599 -14.45 -7.23 -22.02
N GLU A 600 -15.62 -6.60 -21.87
CA GLU A 600 -15.90 -5.41 -22.67
C GLU A 600 -14.89 -4.31 -22.37
N VAL A 601 -14.59 -4.08 -21.10
CA VAL A 601 -13.62 -3.03 -20.78
C VAL A 601 -12.22 -3.41 -21.28
N PHE A 602 -11.90 -4.71 -21.27
CA PHE A 602 -10.64 -5.19 -21.82
C PHE A 602 -10.55 -4.91 -23.32
N ARG A 603 -11.63 -5.19 -24.04
CA ARG A 603 -11.66 -4.90 -25.47
C ARG A 603 -11.52 -3.40 -25.70
N ARG A 604 -12.12 -2.60 -24.83
CA ARG A 604 -11.88 -1.16 -24.90
C ARG A 604 -10.41 -0.85 -24.69
N PHE A 605 -9.77 -1.53 -23.74
CA PHE A 605 -8.37 -1.27 -23.42
C PHE A 605 -7.46 -1.52 -24.61
N VAL A 606 -7.73 -2.58 -25.36
CA VAL A 606 -6.90 -2.86 -26.54
C VAL A 606 -7.32 -1.99 -27.72
N TRP A 607 -8.62 -1.75 -27.88
CA TRP A 607 -9.11 -0.93 -28.96
C TRP A 607 -8.60 0.49 -28.85
N ASN A 608 -8.41 1.00 -27.64
CA ASN A 608 -7.86 2.34 -27.47
C ASN A 608 -6.44 2.40 -28.02
N PHE A 609 -5.62 1.40 -27.66
CA PHE A 609 -4.28 1.29 -28.24
C PHE A 609 -4.34 1.37 -29.75
N PHE A 610 -5.15 0.52 -30.35
CA PHE A 610 -5.08 0.36 -31.81
C PHE A 610 -5.71 1.55 -32.53
N ARG A 611 -6.83 2.07 -32.03
CA ARG A 611 -7.44 3.24 -32.65
C ARG A 611 -6.54 4.46 -32.53
N LEU A 612 -5.94 4.69 -31.37
CA LEU A 612 -5.06 5.85 -31.22
C LEU A 612 -3.83 5.71 -32.12
N GLU A 613 -3.23 4.52 -32.19
CA GLU A 613 -2.08 4.37 -33.06
C GLU A 613 -2.46 4.41 -34.54
N ASN A 614 -3.73 4.14 -34.86
CA ASN A 614 -4.20 4.33 -36.23
C ASN A 614 -4.38 5.81 -36.54
N GLU A 615 -4.84 6.59 -35.55
CA GLU A 615 -5.09 8.01 -35.79
C GLU A 615 -3.81 8.82 -35.70
N HIS A 616 -2.78 8.40 -36.43
CA HIS A 616 -1.54 9.16 -36.51
C HIS A 616 -1.11 9.32 -37.95
N LEU A 617 -1.41 8.32 -38.77
CA LEU A 617 -1.06 8.32 -40.19
C LEU A 617 -2.27 8.37 -41.10
N ASN A 618 -3.29 7.56 -40.83
CA ASN A 618 -4.50 7.57 -41.63
C ASN A 618 -5.41 8.74 -41.31
N ASN A 619 -5.42 9.18 -40.05
CA ASN A 619 -6.26 10.28 -39.59
C ASN A 619 -7.74 10.01 -39.92
N CYS A 620 -8.20 8.86 -39.46
CA CYS A 620 -9.58 8.45 -39.69
C CYS A 620 -10.55 9.39 -38.96
N GLY A 621 -11.61 9.78 -39.64
CA GLY A 621 -12.55 10.76 -39.12
C GLY A 621 -12.21 12.19 -39.47
N GLU A 622 -11.02 12.42 -40.03
CA GLU A 622 -10.54 13.72 -40.52
C GLU A 622 -10.52 14.78 -39.43
N PHE A 623 -10.34 14.42 -38.16
CA PHE A 623 -10.24 15.42 -37.11
C PHE A 623 -9.02 16.30 -37.32
N ARG A 624 -7.89 15.70 -37.69
CA ARG A 624 -6.64 16.42 -37.96
C ARG A 624 -6.21 17.28 -36.78
N ALA B 229 17.48 8.12 -8.72
CA ALA B 229 16.03 8.15 -8.86
C ALA B 229 15.44 6.76 -9.07
N PRO B 230 15.36 5.98 -7.98
CA PRO B 230 14.83 4.60 -8.08
C PRO B 230 13.31 4.56 -8.07
N ALA B 231 12.71 4.79 -9.25
CA ALA B 231 11.26 4.92 -9.34
C ALA B 231 10.56 3.62 -8.97
N TRP B 232 11.01 2.48 -9.50
CA TRP B 232 10.40 1.22 -9.13
C TRP B 232 10.65 0.90 -7.66
N THR B 233 11.82 1.26 -7.15
CA THR B 233 12.10 1.04 -5.73
C THR B 233 11.17 1.89 -4.86
N THR B 234 10.91 3.14 -5.27
CA THR B 234 9.97 3.97 -4.55
C THR B 234 8.56 3.36 -4.60
N PHE B 235 8.19 2.82 -5.75
CA PHE B 235 6.90 2.14 -5.86
C PHE B 235 6.82 0.98 -4.88
N ARG B 236 7.87 0.17 -4.80
CA ARG B 236 7.86 -0.96 -3.89
C ARG B 236 7.80 -0.50 -2.44
N VAL B 237 8.50 0.59 -2.11
CA VAL B 237 8.43 1.16 -0.78
C VAL B 237 6.99 1.50 -0.44
N GLY B 238 6.31 2.19 -1.35
CA GLY B 238 4.92 2.55 -1.11
C GLY B 238 4.01 1.34 -0.98
N LEU B 239 4.23 0.34 -1.83
CA LEU B 239 3.43 -0.88 -1.78
C LEU B 239 3.55 -1.56 -0.42
N PHE B 240 4.79 -1.73 0.06
CA PHE B 240 5.02 -2.37 1.33
C PHE B 240 4.46 -1.53 2.48
N CYS B 241 4.60 -0.21 2.40
CA CYS B 241 4.03 0.67 3.42
C CYS B 241 2.52 0.50 3.49
N GLY B 242 1.85 0.47 2.33
CA GLY B 242 0.40 0.32 2.34
C GLY B 242 -0.04 -1.03 2.88
N ILE B 243 0.65 -2.10 2.47
CA ILE B 243 0.29 -3.42 2.98
C ILE B 243 0.49 -3.49 4.48
N PHE B 244 1.59 -2.91 4.98
CA PHE B 244 1.82 -2.88 6.42
C PHE B 244 0.75 -2.08 7.14
N ILE B 245 0.35 -0.94 6.57
CA ILE B 245 -0.68 -0.11 7.21
C ILE B 245 -1.98 -0.90 7.35
N VAL B 246 -2.43 -1.52 6.25
CA VAL B 246 -3.70 -2.23 6.31
C VAL B 246 -3.59 -3.44 7.22
N LEU B 247 -2.44 -4.12 7.24
CA LEU B 247 -2.28 -5.27 8.11
C LEU B 247 -2.27 -4.85 9.58
N ASN B 248 -1.66 -3.71 9.90
CA ASN B 248 -1.70 -3.20 11.27
C ASN B 248 -3.11 -2.83 11.69
N ILE B 249 -3.88 -2.23 10.77
CA ILE B 249 -5.26 -1.91 11.08
C ILE B 249 -6.06 -3.18 11.33
N THR B 250 -5.82 -4.22 10.53
CA THR B 250 -6.48 -5.50 10.76
C THR B 250 -6.07 -6.07 12.11
N LEU B 251 -4.80 -5.93 12.48
CA LEU B 251 -4.34 -6.42 13.78
C LEU B 251 -5.06 -5.73 14.92
N VAL B 252 -5.13 -4.40 14.86
CA VAL B 252 -5.75 -3.67 15.96
C VAL B 252 -7.24 -3.92 16.00
N LEU B 253 -7.87 -4.21 14.86
CA LEU B 253 -9.29 -4.54 14.84
C LEU B 253 -9.58 -5.97 15.27
N ALA B 254 -8.64 -6.89 15.06
CA ALA B 254 -8.83 -8.28 15.46
C ALA B 254 -8.47 -8.52 16.92
N ALA B 255 -7.60 -7.68 17.49
CA ALA B 255 -7.28 -7.79 18.90
C ALA B 255 -8.51 -7.54 19.76
N VAL B 256 -9.32 -6.55 19.39
CA VAL B 256 -10.54 -6.25 20.16
C VAL B 256 -11.77 -6.99 19.65
N PHE B 257 -11.63 -7.75 18.56
CA PHE B 257 -12.73 -8.57 18.05
C PHE B 257 -12.60 -10.02 18.45
N LYS B 258 -11.44 -10.62 18.20
CA LYS B 258 -11.13 -11.99 18.60
C LYS B 258 -10.49 -11.96 19.99
N LEU B 259 -9.89 -13.08 20.39
CA LEU B 259 -9.23 -13.25 21.68
C LEU B 259 -10.23 -13.23 22.83
N GLU B 260 -9.82 -13.72 23.99
CA GLU B 260 -10.68 -13.81 25.15
C GLU B 260 -10.02 -13.15 26.35
N THR B 261 -10.85 -12.78 27.33
CA THR B 261 -10.33 -12.12 28.53
C THR B 261 -9.40 -13.03 29.32
N ASP B 262 -9.77 -14.31 29.45
CA ASP B 262 -8.95 -15.25 30.21
C ASP B 262 -7.66 -15.63 29.48
N ARG B 263 -7.56 -15.35 28.19
CA ARG B 263 -6.34 -15.63 27.43
C ARG B 263 -5.62 -14.30 27.20
N SER B 264 -4.73 -13.97 28.13
CA SER B 264 -4.02 -12.70 28.06
C SER B 264 -3.06 -12.68 26.88
N ILE B 265 -2.96 -11.51 26.24
CA ILE B 265 -2.07 -11.37 25.09
C ILE B 265 -0.61 -11.27 25.50
N TRP B 266 -0.33 -11.19 26.80
CA TRP B 266 1.02 -10.91 27.28
C TRP B 266 2.07 -11.88 26.77
N PRO B 267 1.84 -13.20 26.72
CA PRO B 267 2.83 -14.07 26.07
C PRO B 267 3.06 -13.72 24.61
N LEU B 268 1.99 -13.51 23.83
CA LEU B 268 2.14 -13.23 22.40
C LEU B 268 2.88 -11.91 22.16
N ILE B 269 2.51 -10.87 22.90
CA ILE B 269 3.21 -9.59 22.72
C ILE B 269 4.64 -9.68 23.23
N ARG B 270 4.87 -10.41 24.32
CA ARG B 270 6.24 -10.61 24.80
C ARG B 270 7.07 -11.43 23.84
N ILE B 271 6.44 -12.17 22.92
CA ILE B 271 7.20 -12.83 21.86
C ILE B 271 7.42 -11.90 20.67
N TYR B 272 6.38 -11.15 20.27
CA TYR B 272 6.41 -10.41 19.02
C TYR B 272 7.04 -9.02 19.12
N ARG B 273 7.13 -8.44 20.32
CA ARG B 273 7.67 -7.10 20.43
C ARG B 273 9.14 -7.08 20.06
N GLY B 274 9.83 -8.21 20.18
CA GLY B 274 11.22 -8.26 19.74
C GLY B 274 11.37 -7.92 18.27
N GLY B 275 10.50 -8.47 17.43
CA GLY B 275 10.54 -8.13 16.02
C GLY B 275 9.89 -6.78 15.73
N PHE B 276 8.90 -6.42 16.55
CA PHE B 276 8.24 -5.13 16.38
C PHE B 276 9.24 -3.98 16.54
N LEU B 277 10.06 -4.05 17.58
CA LEU B 277 11.04 -3.00 17.82
C LEU B 277 12.15 -3.05 16.79
N LEU B 278 12.48 -4.24 16.28
CA LEU B 278 13.47 -4.33 15.21
C LEU B 278 12.98 -3.61 13.96
N ILE B 279 11.74 -3.86 13.57
CA ILE B 279 11.17 -3.19 12.40
C ILE B 279 11.10 -1.69 12.62
N GLU B 280 10.68 -1.29 13.82
CA GLU B 280 10.60 0.13 14.15
C GLU B 280 11.97 0.78 14.05
N PHE B 281 13.00 0.11 14.55
CA PHE B 281 14.35 0.64 14.47
C PHE B 281 14.83 0.74 13.03
N LEU B 282 14.53 -0.27 12.21
CA LEU B 282 14.96 -0.24 10.82
C LEU B 282 14.30 0.92 10.07
N PHE B 283 12.99 1.12 10.27
CA PHE B 283 12.31 2.20 9.59
C PHE B 283 12.79 3.56 10.10
N LEU B 284 12.97 3.70 11.41
CA LEU B 284 13.51 4.94 11.95
C LEU B 284 14.93 5.18 11.46
N LEU B 285 15.68 4.11 11.20
CA LEU B 285 17.04 4.25 10.69
C LEU B 285 17.03 4.67 9.22
N GLY B 286 16.04 4.21 8.48
CA GLY B 286 15.85 4.75 7.14
C GLY B 286 15.59 6.25 7.17
N ILE B 287 14.72 6.68 8.09
CA ILE B 287 14.51 8.12 8.27
C ILE B 287 15.81 8.80 8.67
N ASN B 288 16.61 8.13 9.51
CA ASN B 288 17.89 8.69 9.93
C ASN B 288 18.80 8.92 8.75
N THR B 289 18.88 7.94 7.85
CA THR B 289 19.74 8.08 6.66
C THR B 289 19.22 9.20 5.76
N TYR B 290 17.91 9.28 5.61
CA TYR B 290 17.31 10.36 4.83
C TYR B 290 17.71 11.71 5.40
N GLY B 291 17.54 11.88 6.71
CA GLY B 291 17.91 13.13 7.34
C GLY B 291 19.39 13.42 7.29
N TRP B 292 20.22 12.38 7.39
CA TRP B 292 21.67 12.57 7.29
C TRP B 292 22.06 13.10 5.93
N ARG B 293 21.51 12.53 4.86
CA ARG B 293 21.79 13.02 3.52
C ARG B 293 21.05 14.31 3.20
N GLN B 294 20.09 14.70 4.04
CA GLN B 294 19.31 15.89 3.74
C GLN B 294 20.10 17.19 3.87
N ALA B 295 20.83 17.39 4.97
CA ALA B 295 21.47 18.69 5.19
C ALA B 295 22.99 18.64 5.20
N GLY B 296 23.60 17.92 6.13
CA GLY B 296 25.05 18.00 6.22
C GLY B 296 25.82 16.79 6.69
N VAL B 297 25.15 15.66 6.89
CA VAL B 297 25.78 14.50 7.50
C VAL B 297 26.26 13.57 6.39
N ASN B 298 27.53 13.18 6.46
CA ASN B 298 28.14 12.24 5.52
C ASN B 298 28.46 10.97 6.30
N HIS B 299 27.48 10.08 6.41
CA HIS B 299 27.70 8.81 7.09
C HIS B 299 28.28 7.77 6.14
N VAL B 300 29.31 8.20 5.40
CA VAL B 300 30.04 7.30 4.52
C VAL B 300 31.52 7.42 4.85
N LEU B 301 32.02 8.65 4.87
CA LEU B 301 33.43 8.89 5.14
C LEU B 301 33.80 8.29 6.49
N ILE B 302 33.28 8.85 7.58
CA ILE B 302 33.43 8.17 8.86
C ILE B 302 32.18 7.34 9.12
N PHE B 303 32.05 6.23 8.39
CA PHE B 303 31.19 5.12 8.80
C PHE B 303 31.74 3.80 8.27
N GLU B 304 33.03 3.73 7.94
CA GLU B 304 33.58 2.72 7.05
C GLU B 304 32.89 2.86 5.70
N LEU B 305 32.04 1.89 5.34
CA LEU B 305 31.19 1.95 4.15
C LEU B 305 31.96 2.11 2.85
N ASN B 306 31.22 2.17 1.73
CA ASN B 306 31.77 2.35 0.40
C ASN B 306 31.08 3.54 -0.26
N PRO B 307 31.80 4.55 -0.73
CA PRO B 307 31.14 5.75 -1.25
C PRO B 307 30.39 5.54 -2.56
N ARG B 308 30.28 4.30 -3.04
CA ARG B 308 29.57 4.03 -4.28
C ARG B 308 28.51 2.95 -4.17
N SER B 309 28.35 2.32 -3.00
CA SER B 309 27.40 1.22 -2.89
C SER B 309 26.63 1.28 -1.57
N ASN B 310 26.38 2.48 -1.06
CA ASN B 310 25.70 2.64 0.21
C ASN B 310 24.22 2.26 0.09
N LEU B 311 23.63 1.84 1.21
CA LEU B 311 22.18 1.72 1.27
C LEU B 311 21.56 3.10 1.46
N SER B 312 20.56 3.41 0.64
CA SER B 312 19.83 4.65 0.77
C SER B 312 18.61 4.45 1.67
N HIS B 313 17.92 5.56 1.97
CA HIS B 313 16.75 5.45 2.83
C HIS B 313 15.63 4.68 2.16
N GLN B 314 15.57 4.68 0.83
CA GLN B 314 14.57 3.88 0.12
C GLN B 314 14.76 2.40 0.40
N HIS B 315 16.01 1.92 0.37
CA HIS B 315 16.27 0.50 0.59
C HIS B 315 15.95 0.10 2.02
N LEU B 316 16.32 0.94 2.98
CA LEU B 316 15.97 0.66 4.37
C LEU B 316 14.45 0.66 4.55
N PHE B 317 13.76 1.58 3.88
CA PHE B 317 12.29 1.58 3.93
C PHE B 317 11.73 0.29 3.37
N GLU B 318 12.28 -0.18 2.25
CA GLU B 318 11.78 -1.41 1.64
C GLU B 318 12.03 -2.61 2.55
N ILE B 319 13.22 -2.69 3.16
CA ILE B 319 13.51 -3.81 4.06
C ILE B 319 12.60 -3.78 5.28
N ALA B 320 12.42 -2.59 5.86
CA ALA B 320 11.54 -2.46 7.02
C ALA B 320 10.12 -2.86 6.66
N GLY B 321 9.62 -2.42 5.51
CA GLY B 321 8.29 -2.79 5.09
C GLY B 321 8.14 -4.27 4.82
N PHE B 322 9.15 -4.88 4.21
CA PHE B 322 9.10 -6.31 3.94
C PHE B 322 9.04 -7.11 5.24
N LEU B 323 9.92 -6.80 6.18
CA LEU B 323 9.88 -7.48 7.47
C LEU B 323 8.60 -7.15 8.23
N GLY B 324 8.05 -5.95 8.02
CA GLY B 324 6.79 -5.62 8.66
C GLY B 324 5.64 -6.44 8.11
N ILE B 325 5.63 -6.67 6.80
CA ILE B 325 4.62 -7.53 6.21
C ILE B 325 4.74 -8.94 6.74
N LEU B 326 5.97 -9.46 6.84
CA LEU B 326 6.17 -10.80 7.39
C LEU B 326 5.72 -10.86 8.85
N TRP B 327 6.06 -9.85 9.64
CA TRP B 327 5.67 -9.80 11.04
C TRP B 327 4.16 -9.70 11.20
N CYS B 328 3.52 -8.86 10.40
CA CYS B 328 2.07 -8.73 10.46
C CYS B 328 1.39 -10.03 10.08
N LEU B 329 1.91 -10.72 9.05
CA LEU B 329 1.35 -12.01 8.68
C LEU B 329 1.51 -13.02 9.80
N SER B 330 2.67 -13.03 10.45
CA SER B 330 2.87 -13.94 11.58
C SER B 330 1.90 -13.64 12.71
N LEU B 331 1.74 -12.36 13.05
CA LEU B 331 0.85 -11.99 14.15
C LEU B 331 -0.60 -12.32 13.83
N LEU B 332 -1.03 -12.04 12.59
CA LEU B 332 -2.39 -12.38 12.20
C LEU B 332 -2.61 -13.89 12.21
N ALA B 333 -1.63 -14.65 11.73
CA ALA B 333 -1.75 -16.11 11.75
C ALA B 333 -1.85 -16.63 13.17
N CYS B 334 -1.08 -16.03 14.10
CA CYS B 334 -1.21 -16.40 15.50
C CYS B 334 -2.58 -16.02 16.05
N PHE B 335 -3.12 -14.89 15.61
CA PHE B 335 -4.43 -14.46 16.10
C PHE B 335 -5.54 -15.40 15.67
N PHE B 336 -5.59 -15.75 14.39
CA PHE B 336 -6.69 -16.53 13.84
C PHE B 336 -6.42 -18.03 13.84
N ALA B 337 -5.22 -18.45 13.44
CA ALA B 337 -4.87 -19.86 13.28
C ALA B 337 -5.90 -20.54 12.37
N PRO B 338 -5.90 -20.24 11.08
CA PRO B 338 -6.93 -20.80 10.19
C PRO B 338 -6.92 -22.31 10.13
N ILE B 339 -5.75 -22.94 10.24
CA ILE B 339 -5.62 -24.38 10.09
C ILE B 339 -5.19 -25.00 11.42
N SER B 340 -5.70 -26.19 11.68
CA SER B 340 -5.31 -26.93 12.88
C SER B 340 -3.86 -27.39 12.84
N VAL B 341 -3.20 -27.30 11.70
CA VAL B 341 -1.80 -27.64 11.57
C VAL B 341 -1.00 -26.35 11.56
N ILE B 342 0.33 -26.47 11.66
CA ILE B 342 1.22 -25.33 11.81
C ILE B 342 0.80 -24.59 13.08
N PRO B 343 1.08 -25.14 14.27
CA PRO B 343 0.60 -24.53 15.52
C PRO B 343 1.00 -23.07 15.68
N THR B 344 0.32 -22.38 16.59
CA THR B 344 0.51 -20.94 16.73
C THR B 344 1.95 -20.58 17.04
N TYR B 345 2.65 -21.42 17.81
CA TYR B 345 4.02 -21.11 18.20
C TYR B 345 5.02 -21.34 17.08
N VAL B 346 4.60 -21.91 15.96
CA VAL B 346 5.50 -22.09 14.83
C VAL B 346 5.63 -20.80 14.02
N TYR B 347 4.57 -20.00 13.98
CA TYR B 347 4.59 -18.78 13.17
C TYR B 347 5.68 -17.80 13.57
N PRO B 348 5.89 -17.47 14.86
CA PRO B 348 6.96 -16.51 15.17
C PRO B 348 8.34 -17.01 14.78
N LEU B 349 8.68 -18.24 15.14
CA LEU B 349 10.02 -18.77 14.88
C LEU B 349 10.40 -18.58 13.42
N ALA B 350 9.53 -19.02 12.51
CA ALA B 350 9.81 -18.87 11.08
C ALA B 350 10.17 -17.44 10.75
N LEU B 351 9.34 -16.48 11.18
CA LEU B 351 9.66 -15.08 10.94
C LEU B 351 11.04 -14.76 11.48
N TYR B 352 11.30 -15.09 12.74
CA TYR B 352 12.63 -14.84 13.28
C TYR B 352 13.67 -15.63 12.50
N GLY B 353 13.38 -16.89 12.18
CA GLY B 353 14.24 -17.62 11.28
C GLY B 353 14.40 -16.90 9.96
N PHE B 354 13.29 -16.44 9.39
CA PHE B 354 13.36 -15.67 8.15
C PHE B 354 14.24 -14.44 8.35
N MET B 355 14.11 -13.78 9.50
CA MET B 355 15.01 -12.67 9.80
C MET B 355 16.45 -13.14 9.76
N VAL B 356 16.76 -14.23 10.45
CA VAL B 356 18.09 -14.83 10.35
C VAL B 356 18.35 -15.26 8.92
N PHE B 357 17.33 -15.78 8.23
CA PHE B 357 17.49 -16.20 6.86
C PHE B 357 17.82 -15.02 5.94
N PHE B 358 17.54 -13.79 6.38
CA PHE B 358 17.88 -12.65 5.54
C PHE B 358 19.35 -12.26 5.67
N LEU B 359 20.07 -12.88 6.60
CA LEU B 359 21.48 -12.58 6.82
C LEU B 359 22.41 -13.75 6.56
N ILE B 360 22.08 -14.94 7.07
CA ILE B 360 22.97 -16.09 6.95
C ILE B 360 22.99 -16.69 5.56
N ASN B 361 22.02 -16.37 4.72
CA ASN B 361 21.95 -16.97 3.40
C ASN B 361 23.05 -16.41 2.51
N PRO B 362 23.93 -17.24 1.94
CA PRO B 362 25.06 -16.73 1.16
C PRO B 362 24.73 -16.39 -0.28
N THR B 363 23.51 -16.66 -0.73
CA THR B 363 23.13 -16.38 -2.12
C THR B 363 23.21 -14.87 -2.37
N LYS B 364 24.00 -14.49 -3.38
CA LYS B 364 24.30 -13.08 -3.61
C LYS B 364 23.08 -12.40 -4.20
N THR B 365 22.20 -11.93 -3.31
CA THR B 365 20.97 -11.24 -3.67
C THR B 365 20.48 -10.47 -2.46
N PHE B 366 19.36 -9.75 -2.64
CA PHE B 366 18.70 -9.04 -1.55
C PHE B 366 19.64 -8.08 -0.84
N TYR B 367 20.40 -7.31 -1.62
CA TYR B 367 21.50 -6.49 -1.12
C TYR B 367 22.48 -7.37 -0.32
N TYR B 368 23.04 -8.36 -1.02
CA TYR B 368 23.94 -9.30 -0.37
C TYR B 368 25.10 -8.58 0.29
N LYS B 369 25.58 -7.50 -0.32
CA LYS B 369 26.73 -6.79 0.22
C LYS B 369 26.44 -6.22 1.59
N SER B 370 25.25 -5.61 1.77
CA SER B 370 24.91 -5.03 3.06
C SER B 370 24.70 -6.11 4.11
N ARG B 371 24.06 -7.22 3.75
CA ARG B 371 23.89 -8.32 4.70
C ARG B 371 25.22 -8.87 5.15
N PHE B 372 26.16 -9.04 4.22
CA PHE B 372 27.49 -9.51 4.58
C PHE B 372 28.20 -8.51 5.49
N TRP B 373 28.07 -7.22 5.19
CA TRP B 373 28.66 -6.19 6.05
C TRP B 373 28.08 -6.26 7.47
N LEU B 374 26.76 -6.42 7.58
CA LEU B 374 26.13 -6.49 8.89
C LEU B 374 26.59 -7.72 9.65
N LEU B 375 26.72 -8.86 8.98
CA LEU B 375 27.14 -10.06 9.68
C LEU B 375 28.63 -10.04 9.99
N LYS B 376 29.41 -9.24 9.24
CA LYS B 376 30.82 -9.08 9.56
C LYS B 376 31.05 -8.04 10.65
N LEU B 377 30.07 -7.19 10.92
CA LEU B 377 30.18 -6.28 12.06
C LEU B 377 29.52 -6.80 13.32
N LEU B 378 28.51 -7.68 13.19
CA LEU B 378 27.95 -8.34 14.36
C LEU B 378 28.95 -9.27 15.03
N PHE B 379 30.06 -9.59 14.38
CA PHE B 379 31.13 -10.31 15.04
C PHE B 379 32.03 -9.36 15.83
N ARG B 380 32.47 -8.27 15.21
CA ARG B 380 33.30 -7.29 15.89
C ARG B 380 32.58 -6.58 17.02
N VAL B 381 31.24 -6.62 17.04
CA VAL B 381 30.46 -6.02 18.11
C VAL B 381 30.13 -6.97 19.24
N PHE B 382 29.64 -8.17 18.94
CA PHE B 382 29.12 -9.07 19.97
C PHE B 382 30.22 -9.83 20.69
N THR B 383 31.47 -9.69 20.25
CA THR B 383 32.58 -10.36 20.90
C THR B 383 33.23 -9.49 21.97
N ALA B 384 34.40 -9.91 22.44
CA ALA B 384 35.16 -9.24 23.48
C ALA B 384 36.22 -8.35 22.84
N PRO B 385 37.04 -7.62 23.61
CA PRO B 385 38.04 -6.74 23.00
C PRO B 385 39.07 -7.42 22.11
N PHE B 386 38.95 -8.73 21.86
CA PHE B 386 39.84 -9.44 20.96
C PHE B 386 39.98 -8.70 19.63
N HIS B 387 38.94 -7.96 19.26
CA HIS B 387 38.91 -7.23 17.99
C HIS B 387 39.44 -5.82 18.16
N LYS B 388 39.26 -4.98 17.13
CA LYS B 388 39.62 -3.58 17.15
C LYS B 388 38.35 -2.76 17.40
N VAL B 389 38.51 -1.44 17.57
CA VAL B 389 37.38 -0.55 17.83
C VAL B 389 37.39 0.58 16.81
N GLY B 390 36.25 0.80 16.17
CA GLY B 390 36.07 1.89 15.24
C GLY B 390 34.73 2.55 15.43
N PHE B 391 34.34 3.44 14.53
CA PHE B 391 33.04 4.11 14.66
C PHE B 391 31.90 3.13 14.41
N ALA B 392 32.04 2.28 13.39
CA ALA B 392 30.94 1.41 13.00
C ALA B 392 30.58 0.42 14.11
N ASP B 393 31.59 -0.25 14.67
CA ASP B 393 31.33 -1.23 15.72
C ASP B 393 30.87 -0.56 17.00
N PHE B 394 31.44 0.60 17.33
CA PHE B 394 30.97 1.34 18.50
C PHE B 394 29.50 1.71 18.36
N TRP B 395 29.12 2.18 17.17
CA TRP B 395 27.73 2.59 16.95
C TRP B 395 26.80 1.39 17.01
N LEU B 396 27.18 0.27 16.37
CA LEU B 396 26.33 -0.91 16.42
C LEU B 396 26.18 -1.43 17.85
N ALA B 397 27.26 -1.37 18.64
CA ALA B 397 27.17 -1.79 20.03
C ALA B 397 26.28 -0.85 20.83
N ASP B 398 26.35 0.46 20.53
CA ASP B 398 25.54 1.43 21.26
C ASP B 398 24.06 1.22 20.98
N GLN B 399 23.70 0.94 19.72
CA GLN B 399 22.30 0.68 19.40
C GLN B 399 21.75 -0.51 20.18
N LEU B 400 22.62 -1.42 20.61
CA LEU B 400 22.16 -2.57 21.38
C LEU B 400 21.57 -2.14 22.72
N ASN B 401 22.07 -1.05 23.30
CA ASN B 401 21.52 -0.57 24.56
C ASN B 401 20.05 -0.19 24.42
N SER B 402 19.70 0.50 23.33
CA SER B 402 18.30 0.82 23.08
C SER B 402 17.52 -0.42 22.66
N LEU B 403 18.19 -1.42 22.08
CA LEU B 403 17.56 -2.66 21.68
C LEU B 403 17.74 -3.77 22.68
N SER B 404 18.12 -3.47 23.92
CA SER B 404 18.31 -4.50 24.93
C SER B 404 17.04 -5.29 25.19
N VAL B 405 15.88 -4.62 25.17
CA VAL B 405 14.63 -5.29 25.50
C VAL B 405 14.35 -6.45 24.57
N ILE B 406 14.55 -6.24 23.26
CA ILE B 406 14.34 -7.34 22.32
C ILE B 406 15.28 -8.50 22.62
N LEU B 407 16.48 -8.23 23.12
CA LEU B 407 17.35 -9.32 23.56
C LEU B 407 16.68 -10.11 24.66
N MET B 408 16.13 -9.43 25.66
CA MET B 408 15.30 -10.10 26.65
C MET B 408 14.18 -10.87 25.98
N ASP B 409 13.56 -10.27 24.96
CA ASP B 409 12.54 -10.98 24.20
C ASP B 409 13.09 -12.29 23.68
N LEU B 410 14.26 -12.27 23.04
CA LEU B 410 14.90 -13.50 22.63
C LEU B 410 15.05 -14.45 23.81
N GLU B 411 15.60 -13.94 24.92
CA GLU B 411 15.68 -14.74 26.13
C GLU B 411 14.31 -15.27 26.51
N TYR B 412 13.30 -14.40 26.53
CA TYR B 412 11.95 -14.85 26.85
C TYR B 412 11.51 -15.94 25.90
N MET B 413 11.78 -15.77 24.60
CA MET B 413 11.47 -16.82 23.64
C MET B 413 12.06 -18.15 24.10
N ILE B 414 13.34 -18.15 24.44
CA ILE B 414 13.97 -19.37 24.90
C ILE B 414 13.28 -19.86 26.17
N CYS B 415 13.04 -18.96 27.12
CA CYS B 415 12.35 -19.37 28.34
C CYS B 415 10.93 -19.82 28.04
N PHE B 416 10.32 -19.27 26.98
CA PHE B 416 9.01 -19.72 26.57
C PHE B 416 9.11 -21.10 25.92
N TYR B 417 10.19 -21.36 25.21
CA TYR B 417 10.33 -22.58 24.42
C TYR B 417 11.22 -23.63 25.08
N SER B 418 11.49 -23.48 26.38
CA SER B 418 12.28 -24.48 27.08
C SER B 418 11.57 -24.94 28.36
N LEU B 419 10.84 -24.05 29.02
CA LEU B 419 10.28 -24.34 30.33
C LEU B 419 8.75 -24.40 30.35
N GLU B 420 8.06 -23.33 29.94
CA GLU B 420 6.61 -23.27 30.05
C GLU B 420 5.99 -23.17 28.66
N LEU B 421 5.40 -24.27 28.21
CA LEU B 421 4.61 -24.32 26.99
C LEU B 421 3.91 -25.66 26.87
N LYS B 422 2.63 -25.64 26.49
CA LYS B 422 1.87 -26.88 26.32
C LYS B 422 1.99 -27.32 24.86
N TRP B 423 2.91 -28.23 24.60
CA TRP B 423 3.16 -28.69 23.23
C TRP B 423 2.04 -29.60 22.71
N ASP B 424 1.11 -30.01 23.56
CA ASP B 424 0.00 -30.85 23.13
C ASP B 424 -1.22 -30.05 22.71
N GLU B 425 -1.15 -28.72 22.75
CA GLU B 425 -2.23 -27.86 22.29
C GLU B 425 -1.69 -26.85 21.29
N SER B 426 -2.50 -26.55 20.26
CA SER B 426 -2.10 -25.61 19.23
C SER B 426 -2.14 -24.16 19.69
N LYS B 427 -2.88 -23.87 20.77
CA LYS B 427 -2.96 -22.51 21.28
C LYS B 427 -1.60 -22.04 21.80
N GLY B 428 -1.36 -20.74 21.71
CA GLY B 428 -0.10 -20.17 22.13
C GLY B 428 0.10 -20.06 23.62
N LEU B 429 -0.96 -20.24 24.40
CA LEU B 429 -0.86 -20.11 25.86
C LEU B 429 -2.01 -20.88 26.48
N LEU B 430 -2.07 -20.83 27.82
CA LEU B 430 -3.12 -21.44 28.60
C LEU B 430 -3.81 -20.40 29.48
N PRO B 431 -5.15 -20.45 29.60
CA PRO B 431 -5.88 -19.49 30.42
C PRO B 431 -5.72 -19.74 31.92
N GLY B 446 17.90 -15.28 37.78
CA GLY B 446 18.93 -14.25 37.80
C GLY B 446 19.70 -14.14 36.50
N VAL B 447 19.46 -15.10 35.60
CA VAL B 447 20.14 -15.11 34.31
C VAL B 447 19.70 -13.92 33.46
N ARG B 448 18.42 -13.55 33.57
CA ARG B 448 17.91 -12.42 32.80
C ARG B 448 18.61 -11.13 33.20
N ALA B 449 18.82 -10.92 34.50
CA ALA B 449 19.54 -9.73 34.95
C ALA B 449 20.96 -9.70 34.39
N ILE B 450 21.57 -10.87 34.22
CA ILE B 450 22.91 -10.94 33.66
C ILE B 450 22.89 -10.61 32.17
N VAL B 451 21.94 -11.17 31.42
CA VAL B 451 21.90 -10.94 29.98
C VAL B 451 21.52 -9.49 29.69
N GLN B 452 20.78 -8.85 30.60
CA GLN B 452 20.45 -7.44 30.42
C GLN B 452 21.70 -6.58 30.34
N CYS B 453 22.75 -6.94 31.07
CA CYS B 453 23.99 -6.17 31.07
C CYS B 453 24.86 -6.46 29.86
N ILE B 454 24.50 -7.43 29.02
CA ILE B 454 25.32 -7.75 27.85
C ILE B 454 25.49 -6.55 26.93
N PRO B 455 24.45 -5.81 26.55
CA PRO B 455 24.69 -4.57 25.80
C PRO B 455 25.52 -3.57 26.56
N ALA B 456 25.44 -3.59 27.90
CA ALA B 456 26.29 -2.72 28.70
C ALA B 456 27.72 -3.23 28.74
N TRP B 457 27.90 -4.54 28.85
CA TRP B 457 29.25 -5.12 28.88
C TRP B 457 29.97 -4.92 27.56
N LEU B 458 29.26 -5.07 26.44
CA LEU B 458 29.88 -4.92 25.13
C LEU B 458 30.42 -3.52 24.90
N ARG B 459 29.91 -2.53 25.63
CA ARG B 459 30.42 -1.17 25.56
C ARG B 459 31.45 -0.87 26.64
N PHE B 460 31.26 -1.40 27.85
CA PHE B 460 32.24 -1.19 28.91
C PHE B 460 33.58 -1.81 28.54
N ILE B 461 33.55 -3.08 28.11
CA ILE B 461 34.79 -3.76 27.75
C ILE B 461 35.40 -3.15 26.50
N GLN B 462 34.57 -2.59 25.60
CA GLN B 462 35.11 -1.93 24.43
C GLN B 462 35.80 -0.62 24.80
N CYS B 463 35.24 0.12 25.76
CA CYS B 463 35.93 1.31 26.27
C CYS B 463 37.25 0.93 26.92
N LEU B 464 37.27 -0.18 27.66
CA LEU B 464 38.52 -0.65 28.24
C LEU B 464 39.52 -1.01 27.14
N ARG B 465 39.05 -1.61 26.05
CA ARG B 465 39.91 -1.89 24.91
C ARG B 465 40.48 -0.60 24.32
N ARG B 466 39.64 0.43 24.20
CA ARG B 466 40.12 1.71 23.68
C ARG B 466 41.21 2.29 24.57
N TYR B 467 41.01 2.18 25.89
CA TYR B 467 42.05 2.66 26.81
C TYR B 467 43.33 1.85 26.65
N ARG B 468 43.21 0.52 26.54
CA ARG B 468 44.38 -0.32 26.35
C ARG B 468 45.10 0.01 25.04
N ASP B 469 44.36 0.51 24.06
CA ASP B 469 44.98 0.87 22.79
C ASP B 469 45.67 2.23 22.85
N THR B 470 44.92 3.28 23.14
CA THR B 470 45.44 4.64 23.06
C THR B 470 46.03 5.14 24.38
N LYS B 471 45.84 4.42 25.48
CA LYS B 471 46.34 4.83 26.79
C LYS B 471 45.84 6.24 27.14
N ARG B 472 44.58 6.50 26.81
CA ARG B 472 43.96 7.81 27.01
C ARG B 472 42.94 7.71 28.14
N ALA B 473 43.14 8.50 29.19
CA ALA B 473 42.27 8.42 30.36
C ALA B 473 40.88 8.98 30.07
N PHE B 474 40.81 10.12 29.40
CA PHE B 474 39.56 10.79 29.11
C PHE B 474 39.34 10.85 27.60
N PRO B 475 38.16 10.50 27.10
CA PRO B 475 36.96 10.09 27.83
C PRO B 475 36.73 8.59 27.88
N HIS B 476 37.76 7.76 27.68
CA HIS B 476 37.55 6.33 27.61
C HIS B 476 37.15 5.76 28.98
N LEU B 477 37.88 6.14 30.03
CA LEU B 477 37.52 5.66 31.36
C LEU B 477 36.23 6.30 31.86
N VAL B 478 36.00 7.57 31.51
CA VAL B 478 34.74 8.21 31.88
C VAL B 478 33.57 7.48 31.22
N ASN B 479 33.73 7.12 29.95
CA ASN B 479 32.69 6.36 29.26
C ASN B 479 32.53 4.97 29.88
N ALA B 480 33.63 4.34 30.27
CA ALA B 480 33.56 3.04 30.91
C ALA B 480 32.77 3.13 32.22
N GLY B 481 33.01 4.18 33.00
CA GLY B 481 32.22 4.39 34.20
C GLY B 481 30.76 4.65 33.88
N LYS B 482 30.49 5.40 32.81
CA LYS B 482 29.12 5.67 32.42
C LYS B 482 28.38 4.39 32.10
N TYR B 483 29.06 3.44 31.47
CA TYR B 483 28.40 2.17 31.15
C TYR B 483 28.37 1.20 32.32
N SER B 484 29.33 1.30 33.23
CA SER B 484 29.31 0.48 34.44
C SER B 484 28.26 0.97 35.43
N THR B 485 27.82 2.22 35.30
CA THR B 485 26.67 2.67 36.06
C THR B 485 25.47 1.78 35.80
N THR B 486 25.34 1.25 34.58
CA THR B 486 24.30 0.27 34.30
C THR B 486 24.50 -0.98 35.15
N PHE B 487 25.75 -1.45 35.26
CA PHE B 487 26.03 -2.61 36.11
C PHE B 487 25.58 -2.35 37.53
N PHE B 488 25.93 -1.18 38.07
CA PHE B 488 25.58 -0.86 39.45
C PHE B 488 24.07 -0.77 39.63
N MET B 489 23.39 -0.09 38.70
CA MET B 489 21.94 0.05 38.79
C MET B 489 21.25 -1.30 38.76
N VAL B 490 21.60 -2.14 37.79
CA VAL B 490 20.97 -3.45 37.68
C VAL B 490 21.32 -4.32 38.88
N THR B 491 22.56 -4.23 39.38
CA THR B 491 22.95 -5.01 40.54
C THR B 491 22.08 -4.68 41.74
N PHE B 492 21.93 -3.40 42.05
CA PHE B 492 21.18 -3.05 43.24
C PHE B 492 19.69 -3.26 43.05
N ALA B 493 19.18 -3.05 41.83
CA ALA B 493 17.78 -3.37 41.57
C ALA B 493 17.51 -4.85 41.78
N ALA B 494 18.39 -5.71 41.27
CA ALA B 494 18.21 -7.15 41.42
C ALA B 494 18.30 -7.55 42.89
N LEU B 495 19.26 -6.99 43.63
CA LEU B 495 19.36 -7.33 45.04
C LEU B 495 18.12 -6.90 45.81
N TYR B 496 17.63 -5.68 45.56
CA TYR B 496 16.46 -5.19 46.27
C TYR B 496 15.23 -6.04 45.94
N SER B 497 15.05 -6.38 44.67
CA SER B 497 13.92 -7.22 44.30
C SER B 497 14.02 -8.61 44.90
N THR B 498 15.21 -9.20 44.88
CA THR B 498 15.38 -10.55 45.41
C THR B 498 15.12 -10.59 46.91
N HIS B 499 15.63 -9.61 47.65
CA HIS B 499 15.36 -9.57 49.08
C HIS B 499 13.94 -9.15 49.39
N LYS B 500 13.27 -8.44 48.48
CA LYS B 500 11.86 -8.13 48.68
C LYS B 500 11.01 -9.39 48.67
N GLU B 501 11.23 -10.26 47.68
CA GLU B 501 10.50 -11.52 47.64
C GLU B 501 10.92 -12.46 48.75
N ARG B 502 12.22 -12.49 49.06
CA ARG B 502 12.71 -13.35 50.14
C ARG B 502 12.35 -12.80 51.51
N GLY B 503 12.02 -11.50 51.59
CA GLY B 503 11.56 -10.92 52.83
C GLY B 503 12.61 -10.74 53.90
N HIS B 504 13.88 -10.68 53.53
CA HIS B 504 14.96 -10.55 54.50
C HIS B 504 15.07 -9.12 55.00
N SER B 505 15.78 -8.96 56.12
CA SER B 505 15.88 -7.66 56.78
C SER B 505 16.71 -6.66 55.97
N ASP B 506 17.54 -7.13 55.03
CA ASP B 506 18.38 -6.25 54.22
C ASP B 506 17.66 -5.76 52.96
N THR B 507 16.33 -5.84 52.94
CA THR B 507 15.59 -5.41 51.76
C THR B 507 15.59 -3.90 51.60
N MET B 508 15.29 -3.17 52.68
CA MET B 508 15.10 -1.74 52.58
C MET B 508 16.41 -0.99 52.39
N VAL B 509 17.51 -1.56 52.87
CA VAL B 509 18.81 -0.88 52.75
C VAL B 509 19.19 -0.71 51.29
N PHE B 510 18.99 -1.75 50.47
CA PHE B 510 19.37 -1.68 49.08
C PHE B 510 18.51 -0.70 48.29
N PHE B 511 17.33 -0.35 48.81
CA PHE B 511 16.44 0.54 48.07
C PHE B 511 17.06 1.91 47.86
N TYR B 512 17.66 2.49 48.91
CA TYR B 512 18.25 3.81 48.78
C TYR B 512 19.48 3.77 47.88
N LEU B 513 20.26 2.69 47.96
CA LEU B 513 21.38 2.52 47.05
C LEU B 513 20.91 2.45 45.60
N TRP B 514 19.82 1.73 45.35
CA TRP B 514 19.26 1.67 44.01
C TRP B 514 18.80 3.06 43.56
N ILE B 515 18.18 3.80 44.46
CA ILE B 515 17.69 5.14 44.11
C ILE B 515 18.86 6.05 43.72
N VAL B 516 19.90 6.07 44.55
CA VAL B 516 21.02 6.98 44.29
C VAL B 516 21.77 6.55 43.03
N PHE B 517 21.90 5.24 42.81
CA PHE B 517 22.57 4.80 41.59
C PHE B 517 21.72 5.05 40.36
N TYR B 518 20.39 4.97 40.47
CA TYR B 518 19.52 5.38 39.38
C TYR B 518 19.74 6.85 39.06
N ILE B 519 19.79 7.69 40.09
CA ILE B 519 19.95 9.13 39.86
C ILE B 519 21.30 9.42 39.18
N ILE B 520 22.37 8.83 39.71
CA ILE B 520 23.69 9.14 39.15
C ILE B 520 23.83 8.55 37.75
N SER B 521 23.27 7.36 37.50
CA SER B 521 23.32 6.79 36.16
C SER B 521 22.55 7.65 35.17
N SER B 522 21.35 8.09 35.55
CA SER B 522 20.55 8.91 34.64
C SER B 522 21.24 10.22 34.34
N CYS B 523 21.77 10.90 35.37
CA CYS B 523 22.44 12.17 35.13
C CYS B 523 23.73 11.98 34.36
N TYR B 524 24.43 10.86 34.59
CA TYR B 524 25.66 10.56 33.88
C TYR B 524 25.40 10.39 32.38
N THR B 525 24.43 9.54 32.04
CA THR B 525 24.08 9.37 30.64
C THR B 525 23.54 10.66 30.04
N LEU B 526 22.82 11.45 30.86
CA LEU B 526 22.27 12.71 30.37
C LEU B 526 23.38 13.67 29.97
N ILE B 527 24.33 13.90 30.86
CA ILE B 527 25.41 14.85 30.55
C ILE B 527 26.29 14.30 29.44
N TRP B 528 26.46 12.98 29.38
CA TRP B 528 27.22 12.39 28.29
C TRP B 528 26.53 12.63 26.95
N ASP B 529 25.20 12.51 26.92
CA ASP B 529 24.46 12.77 25.70
C ASP B 529 24.53 14.24 25.31
N LEU B 530 24.27 15.14 26.25
CA LEU B 530 24.08 16.55 25.95
C LEU B 530 25.39 17.34 25.90
N LYS B 531 26.51 16.74 26.27
CA LYS B 531 27.77 17.46 26.34
C LYS B 531 28.85 16.88 25.44
N MET B 532 28.91 15.56 25.29
CA MET B 532 29.93 14.91 24.49
C MET B 532 29.36 14.11 23.34
N ASP B 533 28.24 13.42 23.54
CA ASP B 533 27.56 12.77 22.43
C ASP B 533 27.07 13.81 21.43
N TRP B 534 26.17 14.68 21.86
CA TRP B 534 25.61 15.69 20.96
C TRP B 534 26.45 16.95 20.88
N GLY B 535 27.42 17.12 21.78
CA GLY B 535 28.27 18.29 21.75
C GLY B 535 27.55 19.60 21.97
N LEU B 536 26.61 19.63 22.92
CA LEU B 536 25.89 20.85 23.23
C LEU B 536 26.47 21.50 24.49
N PHE B 537 25.83 22.59 24.94
CA PHE B 537 26.29 23.37 26.09
C PHE B 537 27.71 23.90 25.88
N ASP B 538 28.11 24.07 24.63
CA ASP B 538 29.47 24.52 24.34
C ASP B 538 29.65 25.98 24.73
N LYS B 539 30.77 26.27 25.37
CA LYS B 539 31.10 27.64 25.74
C LYS B 539 31.53 28.43 24.51
N ASN B 540 31.17 29.71 24.48
CA ASN B 540 31.48 30.59 23.36
C ASN B 540 30.92 30.03 22.05
N ALA B 541 29.76 29.38 22.15
CA ALA B 541 29.14 28.79 20.98
C ALA B 541 28.59 29.84 20.03
N GLY B 542 27.96 30.88 20.57
CA GLY B 542 27.41 31.94 19.75
C GLY B 542 25.99 32.30 20.12
N GLU B 543 25.21 32.75 19.13
CA GLU B 543 23.82 33.13 19.38
C GLU B 543 22.95 31.94 19.76
N ASN B 544 23.41 30.72 19.51
CA ASN B 544 22.64 29.54 19.85
C ASN B 544 22.54 29.38 21.35
N THR B 545 21.32 29.16 21.85
CA THR B 545 21.09 28.97 23.28
C THR B 545 21.22 27.48 23.60
N PHE B 546 22.17 27.16 24.47
CA PHE B 546 22.46 25.81 24.97
C PHE B 546 23.07 24.90 23.91
N LEU B 547 23.22 25.35 22.68
CA LEU B 547 23.73 24.52 21.60
C LEU B 547 25.19 24.88 21.33
N ARG B 548 25.75 24.32 20.25
CA ARG B 548 27.12 24.57 19.88
C ARG B 548 27.18 25.55 18.72
N GLU B 549 28.38 25.76 18.17
CA GLU B 549 28.57 26.75 17.10
C GLU B 549 27.79 26.35 15.85
N GLU B 550 27.89 25.11 15.43
CA GLU B 550 27.30 24.64 14.19
C GLU B 550 26.13 23.72 14.48
N ILE B 551 24.99 23.98 13.85
CA ILE B 551 23.80 23.17 14.02
C ILE B 551 23.43 22.37 12.77
N VAL B 552 23.78 22.87 11.58
CA VAL B 552 23.55 22.17 10.32
C VAL B 552 22.06 21.95 10.07
N TYR B 553 21.38 21.31 11.03
CA TYR B 553 19.97 20.99 10.86
C TYR B 553 19.16 22.29 10.75
N PRO B 554 18.02 22.25 10.04
CA PRO B 554 17.33 23.50 9.68
C PRO B 554 16.93 24.37 10.86
N GLN B 555 16.13 23.84 11.78
CA GLN B 555 15.51 24.64 12.83
C GLN B 555 16.19 24.38 14.17
N LYS B 556 16.40 25.46 14.93
CA LYS B 556 16.91 25.31 16.30
C LYS B 556 15.92 24.58 17.18
N ALA B 557 14.62 24.82 16.99
CA ALA B 557 13.60 24.25 17.86
C ALA B 557 13.76 22.75 18.01
N TYR B 558 14.04 22.05 16.90
CA TYR B 558 14.32 20.62 16.94
C TYR B 558 15.19 20.27 18.14
N TYR B 559 16.38 20.88 18.21
CA TYR B 559 17.33 20.56 19.28
C TYR B 559 16.66 20.65 20.64
N TYR B 560 16.02 21.78 20.93
CA TYR B 560 15.42 21.95 22.24
C TYR B 560 14.41 20.84 22.51
N CYS B 561 13.54 20.58 21.54
CA CYS B 561 12.60 19.47 21.69
C CYS B 561 13.36 18.20 22.02
N ALA B 562 14.36 17.86 21.21
CA ALA B 562 15.17 16.68 21.48
C ALA B 562 15.66 16.68 22.91
N ILE B 563 16.27 17.79 23.33
CA ILE B 563 16.85 17.83 24.68
C ILE B 563 15.76 17.52 25.69
N ILE B 564 14.62 18.20 25.59
CA ILE B 564 13.55 17.96 26.54
C ILE B 564 13.16 16.49 26.51
N GLU B 565 12.90 15.97 25.31
CA GLU B 565 12.50 14.58 25.19
C GLU B 565 13.58 13.67 25.79
N ASP B 566 14.85 13.97 25.48
CA ASP B 566 15.92 13.18 26.05
C ASP B 566 15.84 13.20 27.57
N VAL B 567 15.72 14.39 28.16
CA VAL B 567 15.73 14.51 29.61
C VAL B 567 14.57 13.73 30.21
N ILE B 568 13.52 13.52 29.43
CA ILE B 568 12.46 12.63 29.88
C ILE B 568 12.84 11.18 29.62
N LEU B 569 13.10 10.85 28.34
CA LEU B 569 13.15 9.47 27.92
C LEU B 569 14.23 8.67 28.62
N ARG B 570 15.43 9.26 28.80
CA ARG B 570 16.49 8.59 29.53
C ARG B 570 15.98 8.05 30.86
N PHE B 571 15.28 8.87 31.62
CA PHE B 571 14.75 8.41 32.90
C PHE B 571 13.83 7.20 32.68
N ALA B 572 12.86 7.33 31.77
CA ALA B 572 12.04 6.17 31.43
C ALA B 572 12.92 5.01 31.01
N TRP B 573 13.90 5.28 30.14
CA TRP B 573 14.83 4.24 29.73
C TRP B 573 15.43 3.56 30.94
N THR B 574 15.99 4.34 31.87
CA THR B 574 16.59 3.74 33.04
C THR B 574 15.55 2.97 33.84
N ILE B 575 14.36 3.54 34.00
CA ILE B 575 13.30 2.84 34.72
C ILE B 575 13.00 1.52 34.04
N GLN B 576 13.00 1.50 32.70
CA GLN B 576 12.76 0.27 31.98
C GLN B 576 13.80 -0.78 32.36
N ILE B 577 15.07 -0.37 32.44
CA ILE B 577 16.13 -1.31 32.81
C ILE B 577 15.84 -1.93 34.16
N SER B 578 15.21 -1.16 35.05
CA SER B 578 14.88 -1.68 36.37
C SER B 578 13.79 -2.75 36.28
N ILE B 579 12.77 -2.52 35.46
CA ILE B 579 11.53 -3.27 35.63
C ILE B 579 11.54 -4.54 34.79
N THR B 580 11.99 -4.45 33.55
CA THR B 580 11.97 -5.63 32.68
C THR B 580 12.85 -6.74 33.22
N SER B 581 14.03 -6.38 33.73
CA SER B 581 14.99 -7.40 34.15
C SER B 581 14.60 -8.05 35.47
N THR B 582 14.57 -7.25 36.54
CA THR B 582 14.31 -7.82 37.84
C THR B 582 12.81 -7.92 38.11
N THR B 583 12.45 -8.75 39.08
CA THR B 583 11.07 -9.04 39.41
C THR B 583 10.43 -7.99 40.32
N LEU B 584 11.05 -6.82 40.46
CA LEU B 584 10.53 -5.81 41.37
C LEU B 584 9.17 -5.31 40.91
N LEU B 585 8.20 -5.29 41.83
CA LEU B 585 6.83 -4.84 41.59
C LEU B 585 6.27 -5.53 40.36
N PRO B 586 5.91 -6.82 40.46
CA PRO B 586 5.35 -7.51 39.28
C PRO B 586 4.10 -6.86 38.73
N HIS B 587 3.34 -6.15 39.56
CA HIS B 587 2.19 -5.41 39.07
C HIS B 587 2.64 -4.36 38.08
N SER B 588 1.82 -4.13 37.05
CA SER B 588 2.17 -3.26 35.94
C SER B 588 3.49 -3.68 35.33
N GLY B 589 4.31 -2.71 34.94
CA GLY B 589 5.62 -3.04 34.39
C GLY B 589 5.60 -3.58 32.97
N ASP B 590 4.75 -4.56 32.70
CA ASP B 590 4.64 -5.10 31.35
C ASP B 590 4.18 -4.03 30.37
N ILE B 591 3.14 -3.27 30.74
CA ILE B 591 2.74 -2.13 29.94
C ILE B 591 3.83 -1.07 29.94
N ILE B 592 4.47 -0.87 31.09
CA ILE B 592 5.58 0.07 31.18
C ILE B 592 6.67 -0.30 30.17
N ALA B 593 7.03 -1.58 30.13
CA ALA B 593 8.06 -2.04 29.20
C ALA B 593 7.63 -1.86 27.76
N THR B 594 6.42 -2.35 27.42
CA THR B 594 5.96 -2.31 26.05
C THR B 594 5.71 -0.89 25.55
N VAL B 595 5.55 0.08 26.44
CA VAL B 595 5.37 1.47 26.02
C VAL B 595 6.71 2.20 25.95
N PHE B 596 7.61 1.94 26.91
CA PHE B 596 8.88 2.65 26.97
C PHE B 596 9.91 2.10 26.01
N ALA B 597 9.78 0.85 25.58
CA ALA B 597 10.76 0.29 24.65
C ALA B 597 10.73 1.00 23.30
N PRO B 598 9.56 1.18 22.65
CA PRO B 598 9.55 2.02 21.45
C PRO B 598 9.99 3.43 21.72
N LEU B 599 9.73 3.95 22.92
CA LEU B 599 10.26 5.25 23.28
C LEU B 599 11.77 5.23 23.39
N GLU B 600 12.34 4.13 23.88
CA GLU B 600 13.79 3.99 23.89
C GLU B 600 14.34 3.99 22.47
N VAL B 601 13.68 3.28 21.56
CA VAL B 601 14.13 3.28 20.17
C VAL B 601 13.98 4.66 19.55
N PHE B 602 12.94 5.41 19.93
CA PHE B 602 12.78 6.78 19.44
C PHE B 602 13.90 7.69 19.96
N ARG B 603 14.25 7.54 21.23
CA ARG B 603 15.37 8.29 21.77
C ARG B 603 16.64 7.94 21.01
N ARG B 604 16.83 6.66 20.70
CA ARG B 604 17.99 6.24 19.93
C ARG B 604 17.95 6.82 18.53
N PHE B 605 16.76 6.97 17.97
CA PHE B 605 16.58 7.59 16.66
C PHE B 605 17.08 9.04 16.67
N VAL B 606 16.65 9.82 17.65
CA VAL B 606 17.16 11.19 17.77
C VAL B 606 18.65 11.19 18.07
N TRP B 607 19.10 10.25 18.89
CA TRP B 607 20.50 10.15 19.27
C TRP B 607 21.37 9.85 18.05
N ASN B 608 20.91 8.98 17.15
CA ASN B 608 21.59 8.79 15.88
C ASN B 608 21.55 10.04 15.03
N PHE B 609 20.44 10.77 15.07
CA PHE B 609 20.36 12.02 14.31
C PHE B 609 21.45 12.99 14.72
N PHE B 610 21.75 13.08 16.01
CA PHE B 610 22.70 14.08 16.49
C PHE B 610 24.13 13.59 16.72
N ARG B 611 24.34 12.32 17.09
CA ARG B 611 25.69 11.83 17.37
C ARG B 611 26.54 11.85 16.11
N LEU B 612 25.98 11.40 14.98
CA LEU B 612 26.73 11.44 13.74
C LEU B 612 27.01 12.88 13.31
N GLU B 613 26.09 13.79 13.60
CA GLU B 613 26.33 15.20 13.33
C GLU B 613 27.53 15.69 14.12
N ASN B 614 27.55 15.36 15.41
CA ASN B 614 28.64 15.79 16.28
C ASN B 614 29.95 15.22 15.77
N GLU B 615 29.93 13.96 15.36
CA GLU B 615 31.14 13.31 14.85
C GLU B 615 31.63 14.00 13.58
N HIS B 616 30.70 14.33 12.68
CA HIS B 616 31.08 15.02 11.45
C HIS B 616 31.64 16.41 11.73
N LEU B 617 31.06 17.14 12.67
CA LEU B 617 31.47 18.51 12.94
C LEU B 617 32.80 18.57 13.68
N ASN B 618 32.86 17.96 14.87
CA ASN B 618 34.08 17.90 15.67
C ASN B 618 34.34 16.42 15.97
N ASN B 619 35.30 15.84 15.25
CA ASN B 619 35.59 14.41 15.34
C ASN B 619 35.77 13.96 16.79
N CYS B 620 34.87 13.09 17.26
CA CYS B 620 34.94 12.57 18.61
C CYS B 620 35.25 11.09 18.59
N GLY B 621 35.64 10.54 19.75
CA GLY B 621 36.07 9.16 19.82
C GLY B 621 37.33 8.89 19.03
N GLU B 622 38.07 9.96 18.70
CA GLU B 622 39.38 9.88 18.07
C GLU B 622 39.41 8.91 16.90
N PHE B 623 38.46 9.04 15.98
CA PHE B 623 38.37 8.17 14.81
C PHE B 623 39.05 8.76 13.58
N ARG B 624 39.70 9.91 13.74
CA ARG B 624 40.43 10.54 12.64
C ARG B 624 41.84 9.98 12.54
O12 PC1 C . -4.25 16.09 -19.36
P PC1 C . -4.85 16.58 -18.09
O14 PC1 C . -4.09 16.77 -16.83
O13 PC1 C . -5.58 18.04 -18.36
C11 PC1 C . -5.41 18.65 -19.62
C12 PC1 C . -5.28 20.14 -19.33
N PC1 C . -6.46 20.97 -19.74
C13 PC1 C . -7.69 20.56 -19.01
C14 PC1 C . -6.16 22.38 -19.42
C15 PC1 C . -6.71 20.86 -21.21
O11 PC1 C . -6.15 15.62 -17.86
C1 PC1 C . -7.22 15.65 -18.77
C2 PC1 C . -7.61 14.22 -19.11
O21 PC1 C . -7.72 13.38 -17.96
C21 PC1 C . -8.85 13.39 -17.24
O22 PC1 C . -9.71 14.23 -17.37
C22 PC1 C . -8.90 12.26 -16.26
C23 PC1 C . -9.21 12.68 -14.84
C24 PC1 C . -10.68 12.50 -14.45
C25 PC1 C . -11.02 11.07 -14.09
C26 PC1 C . -12.44 10.89 -13.57
C27 PC1 C . -12.62 11.31 -12.13
C28 PC1 C . -13.43 10.30 -11.31
C29 PC1 C . -14.45 9.55 -12.15
C2A PC1 C . -15.86 9.57 -11.56
C2B PC1 C . -16.94 9.58 -12.63
C2C PC1 C . -18.35 9.70 -12.07
C2D PC1 C . -19.12 8.39 -12.04
C2E PC1 C . -20.63 8.58 -11.96
C2F PC1 C . -21.31 7.67 -10.95
C2G PC1 C . -22.83 7.87 -10.89
C2H PC1 C . -23.26 9.34 -10.84
C2I PC1 C . -24.72 9.52 -10.47
C3 PC1 C . -6.58 13.57 -20.02
O31 PC1 C . -7.26 12.61 -20.81
C31 PC1 C . -6.77 11.39 -20.89
O32 PC1 C . -5.60 11.16 -21.09
C32 PC1 C . -7.83 10.35 -20.72
C33 PC1 C . -8.68 10.53 -19.46
C34 PC1 C . -9.98 11.24 -19.75
C35 PC1 C . -11.21 10.36 -19.60
C36 PC1 C . -11.21 9.56 -18.31
C37 PC1 C . -12.60 9.18 -17.81
C38 PC1 C . -13.50 8.63 -18.91
C39 PC1 C . -14.82 8.09 -18.38
C3A PC1 C . -15.54 9.08 -17.48
C3B PC1 C . -16.94 8.61 -17.11
C3C PC1 C . -17.67 9.57 -16.18
C3D PC1 C . -19.04 9.08 -15.75
C3E PC1 C . -19.92 8.69 -16.92
C3F PC1 C . -21.34 8.32 -16.52
C3G PC1 C . -22.09 9.47 -15.86
C3H PC1 C . -23.53 9.13 -15.52
C3I PC1 C . -24.28 10.29 -14.87
O12 PC1 D . 10.34 2.52 -15.51
P PC1 D . 9.24 3.48 -15.79
O14 PC1 D . 8.91 4.66 -14.93
O13 PC1 D . 9.41 4.09 -17.32
C11 PC1 D . 10.03 5.35 -17.51
C12 PC1 D . 11.36 5.26 -16.79
N PC1 D . 12.50 6.02 -17.40
C13 PC1 D . 12.97 5.37 -18.65
C14 PC1 D . 12.02 7.40 -17.72
C15 PC1 D . 13.64 6.13 -16.44
O11 PC1 D . 7.91 2.54 -15.98
C1 PC1 D . 6.63 3.13 -15.95
C2 PC1 D . 5.67 2.21 -15.24
O21 PC1 D . 6.14 1.91 -13.92
C21 PC1 D . 6.12 2.88 -13.01
O22 PC1 D . 7.13 3.31 -12.49
C22 PC1 D . 4.73 3.34 -12.71
C23 PC1 D . 4.26 3.04 -11.30
C24 PC1 D . 4.37 1.55 -10.99
C25 PC1 D . 3.67 0.69 -12.02
C26 PC1 D . 2.15 0.77 -11.92
C27 PC1 D . 1.55 -0.33 -11.06
C28 PC1 D . 0.14 -0.02 -10.60
C29 PC1 D . -0.63 -1.27 -10.18
C2A PC1 D . -2.09 -0.97 -9.86
C2B PC1 D . -2.90 -2.20 -9.49
C2C PC1 D . -4.14 -1.87 -8.65
C2D PC1 D . -4.78 -0.54 -9.02
C2E PC1 D . -5.83 -0.63 -10.13
C2F PC1 D . -6.42 -2.03 -10.31
C2G PC1 D . -7.84 -2.02 -10.89
C2H PC1 D . -8.31 -3.38 -11.41
C2I PC1 D . -9.16 -4.14 -10.41
C3 PC1 D . 5.56 0.88 -15.95
O31 PC1 D . 4.29 0.32 -15.61
C31 PC1 D . 3.47 -0.01 -16.60
O32 PC1 D . 3.72 0.23 -17.76
C32 PC1 D . 2.24 -0.71 -16.12
C33 PC1 D . 2.52 -1.88 -15.18
C34 PC1 D . 1.31 -2.14 -14.31
C35 PC1 D . 0.09 -2.57 -15.11
C36 PC1 D . 0.08 -4.07 -15.33
C37 PC1 D . -0.34 -4.88 -14.12
C38 PC1 D . -1.03 -6.19 -14.47
C39 PC1 D . -1.47 -7.00 -13.28
C3A PC1 D . -1.73 -8.46 -13.62
C3B PC1 D . -1.83 -9.38 -12.40
C3C PC1 D . -0.46 -9.70 -11.78
C3D PC1 D . -0.20 -8.96 -10.48
C3E PC1 D . 0.75 -9.69 -9.55
C3F PC1 D . 2.06 -10.10 -10.22
C3G PC1 D . 3.06 -10.71 -9.26
C3H PC1 D . 4.41 -11.01 -9.89
C3I PC1 D . 5.02 -9.78 -10.57
P PO4 E . -23.76 -0.07 -27.02
O1 PO4 E . -23.30 -1.56 -27.08
O2 PO4 E . -23.36 0.53 -25.64
O3 PO4 E . -23.07 0.72 -28.18
O4 PO4 E . -25.32 0.02 -27.21
O12 PC1 F . 24.48 1.03 1.78
P PC1 F . 25.26 -0.08 2.42
O14 PC1 F . 25.32 -1.46 1.86
O13 PC1 F . 26.84 0.37 2.59
C11 PC1 F . 27.85 -0.16 1.75
C12 PC1 F . 28.48 -1.31 2.55
N PC1 F . 29.76 -1.88 2.02
C13 PC1 F . 30.95 -1.18 2.54
C14 PC1 F . 29.78 -1.75 0.54
C15 PC1 F . 29.88 -3.33 2.38
O11 PC1 F . 24.74 -0.15 3.97
C1 PC1 F . 24.91 -1.33 4.73
C2 PC1 F . 23.93 -1.34 5.88
O21 PC1 F . 22.85 -2.24 5.67
C21 PC1 F . 22.05 -2.57 6.68
O22 PC1 F . 22.29 -2.33 7.83
C22 PC1 F . 20.80 -3.27 6.20
C23 PC1 F . 20.91 -4.78 6.14
C24 PC1 F . 19.64 -5.47 6.59
C25 PC1 F . 19.51 -5.53 8.11
C26 PC1 F . 18.28 -6.29 8.57
C27 PC1 F . 18.24 -7.74 8.10
C28 PC1 F . 16.98 -8.46 8.51
C29 PC1 F . 16.69 -8.36 10.01
C2A PC1 F . 17.23 -9.54 10.82
C2B PC1 F . 18.00 -9.12 12.05
C2C PC1 F . 18.13 -10.23 13.10
C2D PC1 F . 16.88 -10.41 13.93
C2E PC1 F . 17.06 -11.38 15.09
C2F PC1 F . 15.77 -11.80 15.76
C2G PC1 F . 15.90 -13.09 16.54
C2H PC1 F . 16.59 -14.21 15.75
C2I PC1 F . 16.76 -15.50 16.53
C3 PC1 F . 23.30 0.03 6.07
O31 PC1 F . 24.27 0.88 6.68
C31 PC1 F . 23.86 1.64 7.69
O32 PC1 F . 23.36 2.72 7.53
C32 PC1 F . 24.13 0.98 9.01
C33 PC1 F . 22.95 0.22 9.61
C34 PC1 F . 23.41 -0.71 10.71
C35 PC1 F . 22.35 -1.04 11.76
C36 PC1 F . 21.15 -1.78 11.18
C37 PC1 F . 21.25 -3.28 11.36
C38 PC1 F . 21.09 -3.72 12.81
C39 PC1 F . 19.94 -4.69 13.01
C3A PC1 F . 20.33 -6.15 12.80
C3B PC1 F . 20.79 -6.84 14.08
C3C PC1 F . 19.75 -6.79 15.19
C3D PC1 F . 20.21 -7.41 16.50
C3E PC1 F . 20.66 -8.86 16.35
C3F PC1 F . 20.90 -9.56 17.69
C3G PC1 F . 21.32 -11.01 17.52
C3H PC1 F . 21.77 -11.68 18.82
C3I PC1 F . 22.49 -13.00 18.59
O12 PC1 G . 10.75 10.94 -2.68
P PC1 G . 12.08 10.46 -2.22
O14 PC1 G . 13.23 10.21 -3.13
O13 PC1 G . 12.66 11.47 -1.05
C11 PC1 G . 12.09 12.75 -0.92
C12 PC1 G . 13.22 13.74 -1.15
N PC1 G . 13.63 14.00 -2.56
C13 PC1 G . 14.14 15.39 -2.72
C14 PC1 G . 14.75 13.07 -2.90
C15 PC1 G . 12.53 13.77 -3.53
O11 PC1 G . 11.75 9.11 -1.35
C1 PC1 G . 10.42 8.68 -1.21
C2 PC1 G . 10.05 8.79 0.25
O21 PC1 G . 8.69 8.43 0.47
C21 PC1 G . 8.42 7.23 0.93
O22 PC1 G . 8.40 6.25 0.25
C22 PC1 G . 8.14 7.27 2.41
C23 PC1 G . 7.63 5.95 2.97
C24 PC1 G . 6.46 6.19 3.90
C25 PC1 G . 6.89 6.47 5.34
C26 PC1 G . 7.51 5.25 6.01
C27 PC1 G . 6.63 4.01 5.94
C28 PC1 G . 7.28 2.87 5.16
C29 PC1 G . 8.51 2.29 5.84
C2A PC1 G . 8.17 1.57 7.13
C2B PC1 G . 7.07 0.54 6.95
C2C PC1 G . 6.27 0.28 8.22
C2D PC1 G . 7.06 -0.41 9.32
C2E PC1 G . 7.46 0.50 10.47
C2F PC1 G . 6.35 1.44 10.92
C2G PC1 G . 6.58 2.05 12.30
C2H PC1 G . 6.55 1.02 13.41
C2I PC1 G . 5.30 0.15 13.39
C3 PC1 G . 10.19 10.20 0.76
O31 PC1 G . 10.15 10.14 2.18
C31 PC1 G . 11.15 10.72 2.84
O32 PC1 G . 12.05 11.29 2.28
C32 PC1 G . 11.01 10.54 4.32
C33 PC1 G . 9.96 11.47 4.91
C34 PC1 G . 9.55 11.00 6.29
C35 PC1 G . 9.05 9.58 6.31
C36 PC1 G . 8.29 9.25 7.59
C37 PC1 G . 7.23 10.28 7.95
C38 PC1 G . 6.20 9.73 8.94
C39 PC1 G . 5.64 8.38 8.51
C3A PC1 G . 4.55 7.87 9.44
C3B PC1 G . 4.99 7.74 10.90
C3C PC1 G . 4.09 6.80 11.71
C3D PC1 G . 3.04 7.52 12.56
C3E PC1 G . 1.82 7.94 11.75
C3F PC1 G . 1.81 9.41 11.35
C3G PC1 G . 1.22 9.64 9.97
C3H PC1 G . -0.17 9.02 9.80
C3I PC1 G . -0.54 8.82 8.33
P PO4 H . 21.64 -1.35 28.71
O1 PO4 H . 21.51 -2.11 27.35
O2 PO4 H . 21.65 -2.39 29.88
O3 PO4 H . 22.96 -0.51 28.71
O4 PO4 H . 20.40 -0.39 28.86
#